data_5JG8
#
_entry.id   5JG8
#
_cell.length_a   69.531
_cell.length_b   143.658
_cell.length_c   193.620
_cell.angle_alpha   90.000
_cell.angle_beta   90.000
_cell.angle_gamma   90.000
#
_symmetry.space_group_name_H-M   'P 21 21 21'
#
loop_
_entity.id
_entity.type
_entity.pdbx_description
1 polymer 'Sphingomyelin phosphodiesterase'
2 branched 2-acetamido-2-deoxy-beta-D-glucopyranose-(1-4)-2-acetamido-2-deoxy-beta-D-glucopyranose
3 branched 2-acetamido-2-deoxy-beta-D-glucopyranose-(1-3)-2-acetamido-2-deoxy-beta-D-glucopyranose
4 branched alpha-D-mannopyranose-(1-4)-2-acetamido-2-deoxy-beta-D-glucopyranose-(1-4)-2-acetamido-2-deoxy-beta-D-glucopyranose
5 non-polymer 'ZINC ION'
6 non-polymer 'ACETATE ION'
7 non-polymer 2-acetamido-2-deoxy-beta-D-glucopyranose
#
_entity_poly.entity_id   1
_entity_poly.type   'polypeptide(L)'
_entity_poly.pdbx_seq_one_letter_code
;GAPLSDSRVLWAPAEAHPLSPQGHPARLHRIVPRLRDVFGWGNLTCPICKGLFTAINLGLKKEPNVARVGSVAIKLCNLL
KIAPPAVCQSIVHLFEDDMVEVWRRSVLSPSEACGLLLGSTCGHWDIFSSWNISLPTVPKPPPKPPSPPAPGAPVSRILF
LTDLHWDHDYLEGTDPDCADPLCCRRGSGLPPASRPGAGYWGEYSKCDLPLRTLESLLSGLGPAGPFDMVYWTGDIPAHD
VWHQTRQDQLRALTTVTALVRKFLGPVPVYPAVGNHESTPVNSFPPPFIEGNHSSRWLYEAMAKAWEPWLPAEALRTLRI
GGFYALSPYPGLRLISLNMNFCSRENFWLLINSTDPAGQLQWLVGELQAAEDRGDKVHIIGHIPPGHCLKSWSWNYYRIV
ARYENTLAAQFFGHTHVDEFEVFYDEETLSRPLAVAFLAPSATTYIGLNPGYRVYQIDGNYSGSSHVVLDHETYILNLTQ
ANIPGAIPHWQLLYRARETYGLPNTLPTAWHNLVYRMRGDMQLFQTFWFLYHKGHPPSEPCGTPCRLATLCAQLSARADS
PALCRHLMPDGSLPEAQSLWPRPLFS
;
_entity_poly.pdbx_strand_id   A,B
#
# COMPACT_ATOMS: atom_id res chain seq x y z
N GLY A 40 -0.60 9.98 -24.94
CA GLY A 40 -1.21 8.92 -24.15
C GLY A 40 -1.64 9.34 -22.75
N TRP A 41 -2.55 8.57 -22.16
CA TRP A 41 -3.09 8.91 -20.84
C TRP A 41 -2.16 8.49 -19.70
N GLY A 42 -1.33 7.47 -19.92
CA GLY A 42 -0.52 6.95 -18.83
C GLY A 42 0.25 8.00 -18.08
N ASN A 43 0.56 9.12 -18.74
CA ASN A 43 1.28 10.21 -18.11
C ASN A 43 0.43 11.02 -17.15
N LEU A 44 -0.90 10.94 -17.26
CA LEU A 44 -1.77 11.76 -16.42
C LEU A 44 -1.98 11.20 -15.03
N THR A 45 -1.80 9.88 -14.84
CA THR A 45 -2.11 9.26 -13.56
C THR A 45 -1.42 9.99 -12.41
N CYS A 46 -0.11 10.22 -12.54
CA CYS A 46 0.64 10.89 -11.48
C CYS A 46 0.12 12.29 -11.19
N PRO A 47 0.06 13.20 -12.17
CA PRO A 47 -0.47 14.54 -11.88
C PRO A 47 -1.87 14.53 -11.29
N ILE A 48 -2.76 13.68 -11.82
CA ILE A 48 -4.10 13.59 -11.25
C ILE A 48 -4.04 13.13 -9.80
N CYS A 49 -3.10 12.24 -9.48
CA CYS A 49 -2.94 11.80 -8.11
C CYS A 49 -2.50 12.96 -7.21
N LYS A 50 -1.40 13.63 -7.59
CA LYS A 50 -0.90 14.73 -6.76
C LYS A 50 -1.95 15.81 -6.56
N GLY A 51 -2.61 16.22 -7.64
CA GLY A 51 -3.69 17.18 -7.48
C GLY A 51 -4.80 16.66 -6.59
N LEU A 52 -5.15 15.38 -6.74
CA LEU A 52 -6.19 14.77 -5.92
C LEU A 52 -5.87 14.92 -4.44
N PHE A 53 -4.65 14.58 -4.04
CA PHE A 53 -4.30 14.67 -2.62
C PHE A 53 -3.99 16.09 -2.18
N THR A 54 -3.71 17.01 -3.12
CA THR A 54 -3.68 18.42 -2.76
C THR A 54 -5.07 18.90 -2.37
N ALA A 55 -6.07 18.53 -3.18
CA ALA A 55 -7.45 18.88 -2.86
C ALA A 55 -7.90 18.23 -1.56
N ILE A 56 -7.49 16.98 -1.32
CA ILE A 56 -7.81 16.32 -0.06
C ILE A 56 -7.15 17.06 1.10
N ASN A 57 -5.86 17.33 0.97
CA ASN A 57 -5.06 18.03 1.98
C ASN A 57 -5.73 19.33 2.38
N LEU A 58 -5.80 20.30 1.47
CA LEU A 58 -6.47 21.57 1.80
C LEU A 58 -7.93 21.37 2.17
N GLY A 59 -8.55 20.28 1.72
CA GLY A 59 -9.97 20.09 1.98
C GLY A 59 -10.27 19.76 3.43
N LEU A 60 -9.52 18.82 4.01
CA LEU A 60 -9.74 18.44 5.40
C LEU A 60 -9.00 19.33 6.38
N LYS A 61 -8.28 20.35 5.91
CA LYS A 61 -7.73 21.36 6.79
C LYS A 61 -8.82 22.23 7.42
N LYS A 62 -10.06 22.10 6.96
CA LYS A 62 -11.21 22.83 7.51
C LYS A 62 -11.93 21.98 8.54
N GLU A 63 -12.45 22.63 9.58
CA GLU A 63 -13.02 21.97 10.76
C GLU A 63 -14.27 21.14 10.49
N PRO A 64 -15.23 21.61 9.67
CA PRO A 64 -16.48 20.84 9.51
C PRO A 64 -16.26 19.39 9.11
N ASN A 65 -15.39 19.15 8.12
CA ASN A 65 -15.08 17.78 7.75
C ASN A 65 -14.47 17.02 8.92
N VAL A 66 -13.63 17.69 9.70
CA VAL A 66 -13.09 17.07 10.91
C VAL A 66 -14.22 16.60 11.83
N ALA A 67 -15.26 17.42 11.99
CA ALA A 67 -16.41 16.99 12.75
C ALA A 67 -17.04 15.74 12.13
N ARG A 68 -17.16 15.72 10.81
CA ARG A 68 -17.76 14.56 10.13
C ARG A 68 -16.97 13.29 10.43
N VAL A 69 -15.64 13.34 10.25
CA VAL A 69 -14.81 12.19 10.56
C VAL A 69 -15.01 11.78 12.02
N GLY A 70 -15.10 12.76 12.91
CA GLY A 70 -15.34 12.44 14.31
C GLY A 70 -16.61 11.64 14.51
N SER A 71 -17.71 12.09 13.92
CA SER A 71 -19.00 11.42 14.16
C SER A 71 -19.04 10.04 13.52
N VAL A 72 -18.54 9.90 12.28
CA VAL A 72 -18.49 8.58 11.66
C VAL A 72 -17.63 7.63 12.49
N ALA A 73 -16.47 8.11 12.94
CA ALA A 73 -15.63 7.29 13.79
C ALA A 73 -16.37 6.89 15.07
N ILE A 74 -17.21 7.79 15.59
CA ILE A 74 -17.98 7.45 16.80
C ILE A 74 -18.93 6.30 16.50
N LYS A 75 -19.66 6.39 15.39
CA LYS A 75 -20.57 5.30 15.05
C LYS A 75 -19.83 3.98 14.90
N LEU A 76 -18.65 4.00 14.26
CA LEU A 76 -17.88 2.77 14.12
C LEU A 76 -17.44 2.25 15.49
N CYS A 77 -16.94 3.14 16.35
CA CYS A 77 -16.60 2.75 17.72
C CYS A 77 -17.77 2.04 18.38
N ASN A 78 -18.97 2.62 18.27
CA ASN A 78 -20.16 1.97 18.79
C ASN A 78 -20.37 0.59 18.16
N LEU A 79 -19.97 0.42 16.90
CA LEU A 79 -20.11 -0.88 16.26
C LEU A 79 -19.16 -1.92 16.87
N LEU A 80 -17.90 -1.55 17.04
CA LEU A 80 -16.93 -2.47 17.65
C LEU A 80 -17.16 -2.65 19.14
N LYS A 81 -18.09 -1.92 19.73
CA LYS A 81 -18.39 -1.86 21.15
C LYS A 81 -17.11 -1.52 21.92
N ILE A 82 -16.98 -2.01 23.16
CA ILE A 82 -15.74 -1.91 23.93
C ILE A 82 -15.08 -0.54 23.71
N ALA A 83 -15.61 0.54 24.29
CA ALA A 83 -16.39 0.53 25.51
C ALA A 83 -17.68 1.37 25.39
N PRO A 84 -18.39 1.59 26.50
CA PRO A 84 -19.69 2.27 26.45
C PRO A 84 -19.63 3.57 25.65
N PRO A 85 -20.76 3.95 25.04
CA PRO A 85 -20.75 5.03 24.04
C PRO A 85 -20.15 6.35 24.50
N ALA A 86 -20.45 6.80 25.72
CA ALA A 86 -19.92 8.09 26.17
C ALA A 86 -18.40 8.11 26.08
N VAL A 87 -17.76 6.98 26.37
CA VAL A 87 -16.31 6.91 26.26
C VAL A 87 -15.87 7.07 24.81
N CYS A 88 -16.54 6.36 23.90
CA CYS A 88 -16.27 6.56 22.47
C CYS A 88 -16.34 8.04 22.11
N GLN A 89 -17.48 8.68 22.44
CA GLN A 89 -17.69 10.08 22.10
C GLN A 89 -16.55 10.96 22.62
N SER A 90 -16.27 10.87 23.92
CA SER A 90 -15.26 11.76 24.51
C SER A 90 -13.89 11.50 23.90
N ILE A 91 -13.51 10.22 23.79
CA ILE A 91 -12.17 9.87 23.33
C ILE A 91 -11.96 10.36 21.90
N VAL A 92 -12.91 10.07 21.01
CA VAL A 92 -12.77 10.49 19.62
C VAL A 92 -12.77 12.01 19.51
N HIS A 93 -13.64 12.68 20.28
CA HIS A 93 -13.60 14.14 20.28
C HIS A 93 -12.24 14.65 20.71
N LEU A 94 -11.55 13.92 21.59
CA LEU A 94 -10.23 14.32 22.06
C LEU A 94 -9.15 14.08 21.01
N PHE A 95 -9.26 12.97 20.27
CA PHE A 95 -8.22 12.60 19.31
C PHE A 95 -8.34 13.32 17.97
N GLU A 96 -9.57 13.63 17.53
CA GLU A 96 -9.82 13.96 16.12
C GLU A 96 -8.86 15.04 15.60
N ASP A 97 -8.80 16.17 16.30
CA ASP A 97 -7.98 17.30 15.85
C ASP A 97 -6.57 16.87 15.48
N ASP A 98 -5.78 16.47 16.48
CA ASP A 98 -4.37 16.17 16.24
C ASP A 98 -4.21 14.97 15.32
N MET A 99 -5.12 13.98 15.40
CA MET A 99 -5.07 12.85 14.49
C MET A 99 -5.10 13.31 13.04
N VAL A 100 -6.21 13.95 12.65
CA VAL A 100 -6.35 14.47 11.29
C VAL A 100 -5.17 15.36 10.93
N GLU A 101 -4.71 16.19 11.87
CA GLU A 101 -3.54 17.02 11.60
C GLU A 101 -2.37 16.18 11.11
N VAL A 102 -2.02 15.13 11.86
CA VAL A 102 -0.81 14.37 11.50
C VAL A 102 -1.03 13.60 10.20
N TRP A 103 -2.19 12.95 10.05
CA TRP A 103 -2.44 12.23 8.80
C TRP A 103 -2.33 13.16 7.61
N ARG A 104 -2.98 14.33 7.69
CA ARG A 104 -2.86 15.33 6.64
C ARG A 104 -1.41 15.68 6.37
N ARG A 105 -0.60 15.82 7.42
CA ARG A 105 0.80 16.20 7.21
C ARG A 105 1.69 15.00 6.90
N SER A 106 1.20 13.77 7.04
CA SER A 106 2.04 12.60 6.79
C SER A 106 1.45 11.66 5.76
N VAL A 107 0.47 10.86 6.18
CA VAL A 107 -0.02 9.77 5.34
C VAL A 107 -0.63 10.29 4.05
N LEU A 108 -1.44 11.34 4.14
CA LEU A 108 -2.18 11.82 2.99
C LEU A 108 -1.48 12.96 2.25
N SER A 109 -0.36 13.45 2.77
CA SER A 109 0.31 14.56 2.13
C SER A 109 0.70 14.12 0.73
N PRO A 110 0.19 14.74 -0.34
CA PRO A 110 0.88 14.17 -1.49
C PRO A 110 2.29 14.72 -1.60
N SER A 111 3.30 13.87 -1.77
CA SER A 111 3.19 12.43 -1.58
C SER A 111 4.61 11.97 -1.28
N GLU A 112 4.83 10.88 -0.55
CA GLU A 112 3.84 10.07 0.17
C GLU A 112 2.78 9.36 -0.67
N ALA A 113 1.51 9.64 -0.40
CA ALA A 113 0.42 8.76 -0.82
C ALA A 113 0.58 8.31 -2.28
N CYS A 114 0.82 9.26 -3.19
CA CYS A 114 1.05 8.88 -4.57
C CYS A 114 2.29 8.02 -4.70
N GLY A 115 3.37 8.38 -4.00
CA GLY A 115 4.54 7.52 -3.93
C GLY A 115 4.24 6.15 -3.38
N LEU A 116 3.16 6.00 -2.62
CA LEU A 116 2.75 4.67 -2.16
C LEU A 116 2.02 3.92 -3.25
N LEU A 117 1.05 4.57 -3.91
CA LEU A 117 0.23 3.88 -4.91
C LEU A 117 0.95 3.72 -6.23
N LEU A 118 1.86 4.63 -6.56
CA LEU A 118 2.68 4.54 -7.76
C LEU A 118 4.13 4.26 -7.42
N GLY A 119 4.80 5.20 -6.74
CA GLY A 119 6.13 4.95 -6.22
C GLY A 119 7.21 5.35 -7.19
N SER A 120 8.41 5.61 -6.65
CA SER A 120 9.52 5.88 -7.54
C SER A 120 9.15 7.06 -8.44
N THR A 121 8.85 6.76 -9.71
CA THR A 121 8.55 7.78 -10.70
C THR A 121 7.65 8.88 -10.15
N CYS A 122 6.64 8.51 -9.35
CA CYS A 122 5.72 9.47 -8.77
C CYS A 122 5.76 9.33 -7.25
N GLY A 123 6.28 10.36 -6.57
CA GLY A 123 6.30 10.39 -5.11
C GLY A 123 7.29 9.45 -4.44
N HIS A 124 7.50 9.64 -3.14
CA HIS A 124 8.39 8.79 -2.35
C HIS A 124 7.77 8.57 -0.97
N TRP A 125 7.63 7.30 -0.58
CA TRP A 125 7.01 6.94 0.69
C TRP A 125 8.12 6.57 1.68
N ASP A 126 8.41 7.49 2.61
CA ASP A 126 9.45 7.32 3.62
C ASP A 126 8.94 6.95 5.01
N ILE A 127 7.62 6.77 5.19
CA ILE A 127 7.07 6.64 6.54
C ILE A 127 7.77 5.52 7.30
N PHE A 128 8.29 5.85 8.49
CA PHE A 128 9.00 4.90 9.33
C PHE A 128 10.18 4.27 8.59
N SER A 129 10.87 5.08 7.79
CA SER A 129 12.03 4.60 7.05
C SER A 129 13.22 4.42 8.00
N SER A 130 14.20 3.65 7.53
CA SER A 130 15.42 3.43 8.29
C SER A 130 16.24 4.71 8.40
N TRP A 131 17.03 4.81 9.48
CA TRP A 131 17.95 5.91 9.68
C TRP A 131 19.04 5.47 10.66
N ASN A 132 20.16 6.19 10.64
CA ASN A 132 21.31 5.86 11.48
C ASN A 132 21.91 7.13 12.06
N ILE A 133 22.46 7.03 13.28
CA ILE A 133 22.87 8.21 14.03
C ILE A 133 24.36 8.58 13.89
N SER A 134 25.19 7.73 13.30
CA SER A 134 26.58 8.12 13.05
C SER A 134 27.40 8.48 14.29
N LEU A 135 27.83 7.46 15.04
CA LEU A 135 28.72 7.69 16.20
C LEU A 135 29.98 8.46 15.79
N PRO A 136 30.62 9.12 16.75
CA PRO A 136 31.85 9.86 16.44
C PRO A 136 33.00 8.93 16.09
N THR A 137 34.03 9.52 15.48
CA THR A 137 35.17 8.77 14.95
C THR A 137 36.15 8.29 16.01
N VAL A 138 35.97 8.67 17.27
CA VAL A 138 36.92 8.26 18.32
C VAL A 138 36.99 6.74 18.36
N PRO A 139 38.19 6.15 18.35
CA PRO A 139 38.27 4.68 18.36
C PRO A 139 37.81 4.11 19.69
N LYS A 140 37.08 3.00 19.61
CA LYS A 140 36.49 2.42 20.80
C LYS A 140 37.59 1.87 21.71
N PRO A 141 37.61 2.25 23.00
CA PRO A 141 38.58 1.67 23.91
C PRO A 141 38.29 0.18 24.10
N PRO A 142 39.32 -0.61 24.42
CA PRO A 142 39.12 -2.06 24.58
C PRO A 142 38.20 -2.34 25.76
N PRO A 143 37.24 -3.25 25.61
CA PRO A 143 36.30 -3.52 26.70
C PRO A 143 37.02 -4.04 27.93
N LYS A 144 36.81 -3.37 29.05
CA LYS A 144 37.28 -3.83 30.37
C LYS A 144 36.09 -3.99 31.30
N PRO A 145 35.78 -5.19 31.80
CA PRO A 145 34.69 -5.33 32.75
C PRO A 145 35.04 -4.68 34.09
N PRO A 146 34.05 -4.19 34.83
CA PRO A 146 34.34 -3.58 36.13
C PRO A 146 34.72 -4.60 37.20
N SER A 147 35.60 -4.15 38.16
CA SER A 147 36.12 -4.92 39.28
C SER A 147 35.24 -4.78 40.52
N PRO A 148 35.17 -5.82 41.35
CA PRO A 148 34.37 -5.75 42.59
C PRO A 148 34.82 -4.60 43.47
N PRO A 149 33.88 -3.91 44.13
CA PRO A 149 34.24 -2.76 44.95
C PRO A 149 35.16 -3.16 46.10
N ALA A 150 36.12 -2.30 46.40
CA ALA A 150 37.07 -2.55 47.48
C ALA A 150 36.32 -2.65 48.81
N PRO A 151 36.91 -3.35 49.78
CA PRO A 151 36.27 -3.45 51.10
C PRO A 151 36.10 -2.08 51.74
N GLY A 152 34.98 -1.90 52.43
CA GLY A 152 34.70 -0.61 53.04
C GLY A 152 34.39 0.50 52.09
N ALA A 153 34.22 0.21 50.80
CA ALA A 153 33.91 1.27 49.85
C ALA A 153 32.50 1.80 50.10
N PRO A 154 32.23 3.04 49.69
CA PRO A 154 30.91 3.62 49.92
C PRO A 154 29.87 3.01 49.01
N VAL A 155 28.61 3.19 49.38
CA VAL A 155 27.48 2.69 48.61
C VAL A 155 26.41 3.77 48.53
N SER A 156 25.83 3.91 47.35
CA SER A 156 24.81 4.89 47.06
C SER A 156 23.46 4.18 46.93
N ARG A 157 22.54 4.50 47.83
CA ARG A 157 21.19 3.94 47.80
C ARG A 157 20.30 4.88 46.99
N ILE A 158 19.58 4.33 46.03
CA ILE A 158 18.77 5.12 45.12
C ILE A 158 17.35 4.57 45.12
N LEU A 159 16.37 5.44 45.37
CA LEU A 159 14.97 5.04 45.34
C LEU A 159 14.43 5.17 43.94
N PHE A 160 13.81 4.10 43.43
CA PHE A 160 13.25 4.11 42.07
C PHE A 160 11.73 3.99 42.15
N LEU A 161 11.07 5.09 41.78
CA LEU A 161 9.62 5.17 41.67
C LEU A 161 9.23 5.29 40.20
N THR A 162 8.19 4.57 39.81
CA THR A 162 7.71 4.64 38.44
C THR A 162 6.24 4.28 38.39
N ASP A 163 5.55 4.82 37.39
CA ASP A 163 4.17 4.47 37.10
C ASP A 163 3.30 4.54 38.36
N LEU A 164 3.20 5.76 38.90
CA LEU A 164 2.40 5.96 40.10
C LEU A 164 0.91 5.98 39.76
N HIS A 165 0.54 6.62 38.66
CA HIS A 165 -0.81 6.55 38.11
C HIS A 165 -1.86 6.93 39.16
N TRP A 166 -1.86 8.20 39.50
CA TRP A 166 -2.78 8.73 40.51
C TRP A 166 -4.12 9.06 39.87
N ASP A 167 -5.18 8.38 40.34
CA ASP A 167 -6.50 8.51 39.73
C ASP A 167 -7.17 9.83 40.11
N HIS A 168 -7.23 10.14 41.40
CA HIS A 168 -7.90 11.32 41.94
C HIS A 168 -9.42 11.16 41.93
N ASP A 169 -9.92 10.27 41.09
CA ASP A 169 -11.32 9.89 41.10
C ASP A 169 -11.57 8.56 41.80
N TYR A 170 -10.53 7.92 42.32
CA TYR A 170 -10.70 6.65 43.00
C TYR A 170 -11.67 6.81 44.16
N LEU A 171 -12.66 5.94 44.22
CA LEU A 171 -13.65 5.97 45.29
C LEU A 171 -13.87 4.55 45.79
N GLU A 172 -13.56 4.31 47.06
CA GLU A 172 -13.78 3.01 47.64
C GLU A 172 -15.27 2.67 47.60
N GLY A 173 -15.56 1.37 47.50
CA GLY A 173 -16.92 0.89 47.41
C GLY A 173 -17.46 0.82 46.00
N THR A 174 -16.82 1.47 45.04
CA THR A 174 -17.30 1.47 43.66
C THR A 174 -17.07 0.09 43.03
N ASP A 175 -17.44 -0.02 41.76
CA ASP A 175 -17.37 -1.29 41.06
C ASP A 175 -15.95 -1.55 40.57
N PRO A 176 -15.27 -2.60 41.03
CA PRO A 176 -13.92 -2.87 40.49
C PRO A 176 -13.95 -3.34 39.05
N ASP A 177 -14.93 -4.16 38.67
CA ASP A 177 -15.08 -4.62 37.30
C ASP A 177 -16.31 -3.94 36.72
N CYS A 178 -16.08 -2.97 35.85
CA CYS A 178 -17.13 -2.19 35.23
C CYS A 178 -16.85 -2.11 33.75
N ALA A 179 -17.83 -1.62 32.99
CA ALA A 179 -17.61 -1.39 31.57
C ALA A 179 -17.11 0.04 31.43
N ASP A 180 -15.83 0.16 31.17
CA ASP A 180 -15.07 1.41 31.14
C ASP A 180 -13.61 1.00 31.06
N PRO A 181 -12.75 1.78 30.40
CA PRO A 181 -11.32 1.45 30.43
C PRO A 181 -10.73 1.44 31.83
N LEU A 182 -11.36 2.10 32.79
CA LEU A 182 -10.85 2.19 34.15
C LEU A 182 -12.02 2.21 35.13
N CYS A 183 -11.86 1.52 36.26
CA CYS A 183 -12.93 1.41 37.24
C CYS A 183 -12.47 1.83 38.64
N CYS A 184 -13.31 1.58 39.64
CA CYS A 184 -13.08 1.95 41.04
C CYS A 184 -13.07 3.46 41.25
N ARG A 185 -13.73 4.22 40.38
CA ARG A 185 -13.69 5.68 40.47
C ARG A 185 -15.10 6.22 40.34
N ARG A 186 -15.23 7.52 40.63
CA ARG A 186 -16.52 8.19 40.50
C ARG A 186 -17.13 7.90 39.15
N GLY A 187 -18.39 7.48 39.15
CA GLY A 187 -19.09 7.15 37.93
C GLY A 187 -19.01 5.70 37.51
N SER A 188 -18.37 4.84 38.30
CA SER A 188 -18.34 3.42 38.01
C SER A 188 -19.54 2.67 38.59
N GLY A 189 -20.35 3.31 39.43
CA GLY A 189 -21.49 2.68 40.02
C GLY A 189 -21.11 1.80 41.19
N LEU A 190 -22.03 0.90 41.56
CA LEU A 190 -21.81 -0.01 42.68
C LEU A 190 -21.85 -1.46 42.20
N PRO A 191 -21.09 -2.34 42.85
CA PRO A 191 -21.10 -3.76 42.46
C PRO A 191 -22.41 -4.42 42.87
N PRO A 192 -22.98 -5.23 42.00
CA PRO A 192 -24.21 -5.96 42.35
C PRO A 192 -23.92 -7.14 43.25
N ALA A 193 -24.87 -7.39 44.16
CA ALA A 193 -24.93 -8.63 44.93
C ALA A 193 -23.63 -8.91 45.68
N SER A 194 -23.04 -10.07 45.43
CA SER A 194 -22.00 -10.61 46.30
C SER A 194 -20.61 -10.11 45.97
N ARG A 195 -20.42 -9.47 44.81
CA ARG A 195 -19.09 -8.99 44.46
C ARG A 195 -18.77 -7.76 45.30
N PRO A 196 -17.67 -7.74 46.03
CA PRO A 196 -17.35 -6.59 46.87
C PRO A 196 -16.89 -5.39 46.05
N GLY A 197 -16.91 -4.23 46.71
CA GLY A 197 -16.46 -3.00 46.10
C GLY A 197 -14.95 -2.91 46.07
N ALA A 198 -14.46 -1.71 45.78
CA ALA A 198 -13.03 -1.49 45.69
C ALA A 198 -12.43 -1.30 47.09
N GLY A 199 -11.21 -1.80 47.26
CA GLY A 199 -10.55 -1.72 48.55
C GLY A 199 -10.19 -0.29 48.94
N TYR A 200 -9.94 -0.10 50.23
CA TYR A 200 -9.62 1.23 50.72
C TYR A 200 -8.32 1.75 50.12
N TRP A 201 -7.34 0.87 49.96
CA TRP A 201 -6.02 1.24 49.45
C TRP A 201 -5.90 1.03 47.95
N GLY A 202 -6.98 0.71 47.26
CA GLY A 202 -6.95 0.31 45.87
C GLY A 202 -7.37 -1.14 45.68
N GLU A 203 -7.59 -1.51 44.43
CA GLU A 203 -8.23 -2.77 44.08
C GLU A 203 -7.38 -3.55 43.09
N TYR A 204 -7.71 -4.83 42.96
CA TYR A 204 -6.97 -5.82 42.19
C TYR A 204 -7.42 -5.94 40.74
N SER A 205 -8.26 -5.03 40.26
CA SER A 205 -8.70 -5.00 38.86
C SER A 205 -8.61 -3.56 38.38
N LYS A 206 -7.94 -3.33 37.25
CA LYS A 206 -7.87 -2.01 36.59
C LYS A 206 -7.49 -1.00 37.69
N CYS A 207 -8.18 0.13 37.81
CA CYS A 207 -8.14 0.87 39.07
C CYS A 207 -6.75 1.34 39.51
N ASP A 208 -6.32 2.50 39.06
CA ASP A 208 -5.08 3.09 39.54
C ASP A 208 -5.26 3.52 41.01
N LEU A 209 -4.21 4.21 41.58
CA LEU A 209 -4.09 4.46 43.01
C LEU A 209 -4.79 5.77 43.41
N PRO A 210 -5.44 5.77 44.56
CA PRO A 210 -5.83 7.03 45.20
C PRO A 210 -4.63 7.69 45.85
N LEU A 211 -4.69 9.02 45.94
CA LEU A 211 -3.55 9.78 46.43
C LEU A 211 -3.09 9.29 47.81
N ARG A 212 -4.01 8.79 48.62
CA ARG A 212 -3.64 8.37 49.98
C ARG A 212 -2.62 7.24 49.95
N THR A 213 -2.72 6.33 48.99
CA THR A 213 -1.78 5.22 48.94
C THR A 213 -0.39 5.68 48.53
N LEU A 214 -0.29 6.71 47.70
CA LEU A 214 1.01 7.31 47.44
C LEU A 214 1.56 7.98 48.70
N GLU A 215 0.68 8.65 49.46
CA GLU A 215 1.12 9.21 50.74
C GLU A 215 1.64 8.11 51.65
N SER A 216 0.95 6.97 51.71
CA SER A 216 1.41 5.84 52.51
C SER A 216 2.78 5.37 52.05
N LEU A 217 2.93 5.19 50.73
CA LEU A 217 4.21 4.75 50.19
C LEU A 217 5.33 5.69 50.64
N LEU A 218 5.10 6.99 50.53
CA LEU A 218 6.16 7.94 50.85
C LEU A 218 6.41 8.04 52.36
N SER A 219 5.39 7.80 53.19
CA SER A 219 5.59 7.85 54.63
C SER A 219 6.35 6.62 55.12
N GLY A 220 6.04 5.44 54.59
CA GLY A 220 6.69 4.23 55.04
C GLY A 220 8.10 4.01 54.53
N LEU A 221 8.71 5.03 53.94
CA LEU A 221 10.03 4.88 53.33
C LEU A 221 11.15 4.73 54.35
N GLY A 222 10.88 4.90 55.63
CA GLY A 222 11.94 4.97 56.60
C GLY A 222 12.86 3.79 56.59
N PRO A 223 12.32 2.57 56.81
CA PRO A 223 13.07 1.32 56.86
C PRO A 223 13.11 0.48 55.57
N ALA A 224 13.84 0.87 54.53
CA ALA A 224 14.66 2.06 54.50
C ALA A 224 15.08 2.25 53.04
N GLY A 225 15.88 3.26 52.71
CA GLY A 225 16.28 4.35 53.58
C GLY A 225 17.64 4.22 54.23
N PRO A 226 18.35 5.34 54.40
CA PRO A 226 18.10 6.67 53.81
C PRO A 226 18.53 6.70 52.34
N PHE A 227 17.93 7.55 51.52
CA PHE A 227 18.22 7.59 50.09
C PHE A 227 19.15 8.75 49.76
N ASP A 228 20.11 8.50 48.87
CA ASP A 228 20.93 9.57 48.33
C ASP A 228 20.23 10.30 47.20
N MET A 229 19.44 9.59 46.39
CA MET A 229 18.75 10.18 45.26
C MET A 229 17.53 9.34 44.93
N VAL A 230 16.66 9.90 44.10
CA VAL A 230 15.45 9.22 43.66
C VAL A 230 15.36 9.37 42.15
N TYR A 231 15.17 8.24 41.46
CA TYR A 231 14.89 8.21 40.04
C TYR A 231 13.39 8.01 39.87
N TRP A 232 12.75 8.95 39.17
CA TRP A 232 11.30 8.97 39.03
C TRP A 232 10.95 8.95 37.55
N THR A 233 10.34 7.85 37.09
CA THR A 233 10.23 7.62 35.65
C THR A 233 9.09 8.41 35.01
N GLY A 234 7.88 8.32 35.53
CA GLY A 234 6.76 9.04 34.93
C GLY A 234 5.40 8.39 35.06
N ASP A 235 4.52 8.66 34.08
CA ASP A 235 3.17 8.11 34.07
C ASP A 235 2.37 8.55 35.30
N ILE A 236 2.56 9.80 35.69
CA ILE A 236 1.89 10.38 36.85
C ILE A 236 0.36 10.39 36.79
N PRO A 237 -0.22 10.72 35.63
CA PRO A 237 -1.67 10.75 35.53
C PRO A 237 -2.26 9.36 35.42
N ALA A 238 -3.55 9.26 35.73
CA ALA A 238 -4.24 7.98 35.73
C ALA A 238 -4.53 7.51 34.32
N HIS A 239 -5.21 6.36 34.22
CA HIS A 239 -5.50 5.68 32.96
C HIS A 239 -6.81 6.11 32.33
N ASP A 240 -7.45 7.16 32.84
CA ASP A 240 -8.68 7.61 32.20
C ASP A 240 -8.23 8.54 31.08
N VAL A 241 -8.23 8.01 29.85
CA VAL A 241 -7.64 8.70 28.72
C VAL A 241 -8.67 9.35 27.82
N TRP A 242 -9.96 9.14 28.05
CA TRP A 242 -10.94 9.69 27.12
C TRP A 242 -11.26 11.15 27.42
N HIS A 243 -11.49 11.50 28.68
CA HIS A 243 -11.84 12.86 29.07
C HIS A 243 -10.66 13.67 29.62
N GLN A 244 -9.44 13.16 29.57
CA GLN A 244 -8.30 13.89 30.14
C GLN A 244 -8.23 15.31 29.58
N THR A 245 -7.77 16.23 30.43
CA THR A 245 -7.59 17.63 30.07
C THR A 245 -6.22 18.12 30.49
N ARG A 246 -5.70 19.10 29.73
CA ARG A 246 -4.41 19.69 30.09
C ARG A 246 -4.39 20.17 31.54
N GLN A 247 -5.48 20.80 31.98
CA GLN A 247 -5.54 21.26 33.37
C GLN A 247 -5.39 20.10 34.34
N ASP A 248 -6.03 18.97 34.03
CA ASP A 248 -5.96 17.80 34.91
C ASP A 248 -4.56 17.21 34.92
N GLN A 249 -3.97 17.02 33.74
CA GLN A 249 -2.60 16.50 33.68
C GLN A 249 -1.67 17.37 34.50
N LEU A 250 -1.80 18.70 34.37
CA LEU A 250 -0.96 19.58 35.16
C LEU A 250 -1.25 19.44 36.65
N ARG A 251 -2.51 19.23 37.01
CA ARG A 251 -2.86 18.95 38.39
C ARG A 251 -2.06 17.74 38.91
N ALA A 252 -2.18 16.61 38.22
CA ALA A 252 -1.44 15.42 38.63
C ALA A 252 0.05 15.71 38.78
N LEU A 253 0.66 16.28 37.75
CA LEU A 253 2.09 16.54 37.78
C LEU A 253 2.48 17.38 39.00
N THR A 254 1.82 18.52 39.20
CA THR A 254 2.25 19.45 40.24
C THR A 254 1.96 18.91 41.63
N THR A 255 0.79 18.31 41.85
CA THR A 255 0.44 17.85 43.19
C THR A 255 1.27 16.64 43.58
N VAL A 256 1.47 15.69 42.67
CA VAL A 256 2.27 14.52 43.02
C VAL A 256 3.73 14.92 43.20
N THR A 257 4.22 15.83 42.36
CA THR A 257 5.56 16.38 42.58
C THR A 257 5.66 17.01 43.96
N ALA A 258 4.64 17.78 44.35
CA ALA A 258 4.66 18.42 45.67
C ALA A 258 4.67 17.39 46.79
N LEU A 259 3.94 16.29 46.60
CA LEU A 259 3.92 15.23 47.61
C LEU A 259 5.31 14.62 47.78
N VAL A 260 5.88 14.15 46.67
CA VAL A 260 7.24 13.61 46.71
C VAL A 260 8.17 14.60 47.40
N ARG A 261 8.13 15.86 46.97
CA ARG A 261 9.02 16.87 47.54
C ARG A 261 8.79 17.02 49.04
N LYS A 262 7.55 16.93 49.48
CA LYS A 262 7.27 17.05 50.91
C LYS A 262 7.96 15.93 51.69
N PHE A 263 7.81 14.69 51.23
CA PHE A 263 8.32 13.58 52.04
C PHE A 263 9.82 13.38 51.90
N LEU A 264 10.41 13.64 50.74
CA LEU A 264 11.83 13.38 50.56
C LEU A 264 12.74 14.57 50.83
N GLY A 265 12.20 15.78 50.97
CA GLY A 265 13.00 16.92 51.36
C GLY A 265 14.23 17.15 50.50
N PRO A 266 15.39 17.20 51.14
CA PRO A 266 16.62 17.58 50.41
C PRO A 266 17.13 16.55 49.41
N VAL A 267 16.70 15.30 49.49
CA VAL A 267 17.26 14.32 48.55
C VAL A 267 16.81 14.69 47.13
N PRO A 268 17.72 14.70 46.15
CA PRO A 268 17.33 15.09 44.80
C PRO A 268 16.48 14.02 44.13
N VAL A 269 15.48 14.48 43.38
CA VAL A 269 14.61 13.61 42.59
C VAL A 269 14.82 13.98 41.13
N TYR A 270 15.24 13.00 40.33
CA TYR A 270 15.46 13.16 38.89
C TYR A 270 14.34 12.48 38.13
N PRO A 271 13.42 13.24 37.51
CA PRO A 271 12.29 12.60 36.82
C PRO A 271 12.57 12.31 35.35
N ALA A 272 11.61 11.64 34.73
CA ALA A 272 11.60 11.38 33.29
C ALA A 272 10.15 11.50 32.84
N VAL A 273 9.95 11.61 31.53
CA VAL A 273 8.62 11.84 30.98
C VAL A 273 8.01 10.50 30.60
N GLY A 274 6.87 10.19 31.21
CA GLY A 274 6.14 8.99 30.90
C GLY A 274 5.23 9.16 29.70
N ASN A 275 4.50 8.09 29.40
CA ASN A 275 3.64 8.07 28.22
C ASN A 275 2.22 8.57 28.47
N HIS A 276 1.87 8.81 29.72
CA HIS A 276 0.56 9.33 30.07
C HIS A 276 0.57 10.74 30.57
N GLU A 277 1.71 11.36 30.57
CA GLU A 277 1.79 12.76 31.01
C GLU A 277 0.96 13.67 30.10
N SER A 278 1.29 13.70 28.82
CA SER A 278 0.59 14.55 27.86
C SER A 278 -0.82 14.02 27.55
N THR A 279 -1.65 14.91 27.03
CA THR A 279 -2.95 14.52 26.50
C THR A 279 -3.09 15.08 25.08
N PRO A 280 -3.67 14.28 24.17
CA PRO A 280 -4.18 12.93 24.45
C PRO A 280 -3.06 11.97 24.83
N VAL A 281 -3.40 10.84 25.43
CA VAL A 281 -2.38 9.90 25.86
C VAL A 281 -1.50 9.53 24.68
N ASN A 282 -0.19 9.58 24.88
CA ASN A 282 0.84 9.19 23.92
C ASN A 282 1.15 10.29 22.91
N SER A 283 0.51 11.44 22.97
CA SER A 283 0.72 12.49 21.97
C SER A 283 1.88 13.36 22.43
N PHE A 284 3.01 13.24 21.73
CA PHE A 284 4.23 13.98 22.05
C PHE A 284 4.83 14.51 20.77
N PRO A 285 4.30 15.61 20.26
CA PRO A 285 4.88 16.22 19.06
C PRO A 285 6.32 16.60 19.31
N PRO A 286 7.23 16.26 18.39
CA PRO A 286 8.63 16.63 18.56
C PRO A 286 8.79 18.15 18.57
N PRO A 287 10.01 18.64 18.78
CA PRO A 287 10.19 20.09 18.88
C PRO A 287 9.87 20.84 17.60
N PHE A 288 9.82 20.17 16.44
CA PHE A 288 9.53 20.89 15.20
C PHE A 288 8.07 21.27 15.06
N ILE A 289 7.20 20.80 15.95
CA ILE A 289 5.82 21.27 16.05
C ILE A 289 5.78 22.40 17.07
N GLU A 290 5.13 23.51 16.71
CA GLU A 290 5.07 24.67 17.58
C GLU A 290 3.64 24.93 18.03
N GLY A 291 3.51 25.52 19.21
CA GLY A 291 2.22 25.65 19.89
C GLY A 291 1.20 26.38 19.04
N ASN A 292 -0.07 26.35 19.44
CA ASN A 292 -0.52 25.84 20.74
C ASN A 292 -0.43 24.31 20.88
N HIS A 293 -0.71 23.59 19.78
CA HIS A 293 -0.88 22.14 19.85
C HIS A 293 0.43 21.39 20.12
N SER A 294 1.56 22.09 20.22
CA SER A 294 2.81 21.45 20.57
C SER A 294 2.79 21.03 22.05
N SER A 295 3.90 20.48 22.51
CA SER A 295 4.04 20.04 23.90
C SER A 295 4.59 21.13 24.81
N ARG A 296 4.76 22.36 24.31
CA ARG A 296 5.34 23.43 25.12
C ARG A 296 4.69 23.51 26.50
N TRP A 297 3.37 23.31 26.57
CA TRP A 297 2.66 23.47 27.83
C TRP A 297 3.17 22.47 28.87
N LEU A 298 3.31 21.20 28.49
CA LEU A 298 3.74 20.18 29.44
C LEU A 298 5.20 20.37 29.84
N TYR A 299 6.07 20.63 28.86
CA TYR A 299 7.48 20.77 29.19
C TYR A 299 7.75 22.00 30.04
N GLU A 300 6.97 23.07 29.86
CA GLU A 300 7.16 24.23 30.73
C GLU A 300 6.44 24.08 32.08
N ALA A 301 5.41 23.24 32.16
CA ALA A 301 4.85 22.91 33.47
C ALA A 301 5.85 22.09 34.29
N MET A 302 6.46 21.10 33.66
CA MET A 302 7.70 20.54 34.19
C MET A 302 8.78 21.61 34.13
N ALA A 303 9.79 21.46 34.99
CA ALA A 303 10.88 22.43 35.04
C ALA A 303 10.40 23.71 35.71
N LYS A 304 9.09 23.91 35.74
CA LYS A 304 8.51 24.82 36.72
C LYS A 304 8.31 24.10 38.05
N ALA A 305 7.84 22.84 37.98
CA ALA A 305 7.71 22.01 39.17
C ALA A 305 9.02 21.40 39.60
N TRP A 306 9.91 21.07 38.65
CA TRP A 306 11.17 20.41 38.94
C TRP A 306 12.34 21.37 39.09
N GLU A 307 12.08 22.67 39.08
CA GLU A 307 13.15 23.66 39.25
C GLU A 307 14.04 23.38 40.45
N PRO A 308 13.53 23.01 41.62
CA PRO A 308 14.44 22.79 42.77
C PRO A 308 15.43 21.66 42.54
N TRP A 309 15.02 20.60 41.87
CA TRP A 309 15.87 19.42 41.70
C TRP A 309 16.93 19.62 40.62
N LEU A 310 16.53 20.09 39.47
CA LEU A 310 17.38 20.14 38.29
C LEU A 310 18.12 21.48 38.19
N PRO A 311 19.35 21.46 37.68
CA PRO A 311 20.09 22.71 37.50
C PRO A 311 19.61 23.49 36.27
N ALA A 312 20.30 24.58 35.94
CA ALA A 312 19.85 25.45 34.86
C ALA A 312 19.84 24.73 33.52
N GLU A 313 20.99 24.19 33.11
CA GLU A 313 21.08 23.52 31.81
C GLU A 313 20.01 22.44 31.68
N ALA A 314 19.89 21.59 32.70
CA ALA A 314 18.88 20.54 32.68
C ALA A 314 17.51 21.12 32.34
N LEU A 315 17.12 22.19 33.02
CA LEU A 315 15.83 22.82 32.74
C LEU A 315 15.78 23.34 31.30
N ARG A 316 16.88 23.92 30.81
CA ARG A 316 16.88 24.45 29.46
C ARG A 316 16.54 23.36 28.45
N THR A 317 17.27 22.25 28.51
CA THR A 317 17.02 21.17 27.55
C THR A 317 15.67 20.50 27.79
N LEU A 318 15.20 20.48 29.04
CA LEU A 318 13.90 19.90 29.35
C LEU A 318 12.76 20.73 28.76
N ARG A 319 12.93 22.06 28.69
CA ARG A 319 11.89 22.91 28.14
C ARG A 319 11.66 22.67 26.65
N ILE A 320 12.69 22.23 25.93
CA ILE A 320 12.60 21.99 24.50
C ILE A 320 12.05 20.59 24.24
N GLY A 321 12.85 19.57 24.56
CA GLY A 321 12.53 18.20 24.21
C GLY A 321 12.01 17.32 25.33
N GLY A 322 12.14 17.74 26.58
CA GLY A 322 11.76 16.90 27.69
C GLY A 322 12.77 15.84 28.09
N PHE A 323 14.06 16.14 27.96
CA PHE A 323 15.13 15.24 28.36
C PHE A 323 16.31 16.09 28.78
N TYR A 324 17.19 15.54 29.61
CA TYR A 324 18.27 16.36 30.16
C TYR A 324 19.43 15.48 30.61
N ALA A 325 20.47 16.13 31.11
CA ALA A 325 21.63 15.46 31.67
C ALA A 325 22.17 16.30 32.83
N LEU A 326 22.71 15.63 33.84
CA LEU A 326 23.25 16.33 35.00
C LEU A 326 24.26 15.42 35.69
N SER A 327 24.86 15.93 36.77
CA SER A 327 25.94 15.24 37.47
C SER A 327 25.63 15.12 38.96
N PRO A 328 24.98 14.04 39.39
CA PRO A 328 24.72 13.89 40.84
C PRO A 328 25.99 13.81 41.66
N TYR A 329 26.97 13.03 41.22
CA TYR A 329 28.26 12.88 41.86
C TYR A 329 29.36 13.31 40.91
N PRO A 330 30.51 13.74 41.43
CA PRO A 330 31.69 13.87 40.57
C PRO A 330 32.09 12.51 40.02
N GLY A 331 32.26 12.45 38.71
CA GLY A 331 32.55 11.19 38.04
C GLY A 331 31.33 10.41 37.60
N LEU A 332 30.13 10.96 37.75
CA LEU A 332 28.90 10.30 37.35
C LEU A 332 28.04 11.28 36.55
N ARG A 333 27.33 10.75 35.56
CA ARG A 333 26.47 11.55 34.71
C ARG A 333 25.15 10.83 34.53
N LEU A 334 24.05 11.50 34.88
CA LEU A 334 22.72 10.94 34.69
C LEU A 334 22.09 11.55 33.45
N ILE A 335 21.58 10.69 32.58
CA ILE A 335 20.87 11.08 31.37
C ILE A 335 19.42 10.68 31.56
N SER A 336 18.51 11.63 31.37
CA SER A 336 17.08 11.37 31.42
C SER A 336 16.55 11.54 30.01
N LEU A 337 16.16 10.43 29.40
CA LEU A 337 15.70 10.40 28.01
C LEU A 337 14.18 10.46 27.96
N ASN A 338 13.67 11.16 26.96
CA ASN A 338 12.23 11.16 26.69
C ASN A 338 11.97 10.04 25.70
N MET A 339 11.37 8.95 26.19
CA MET A 339 11.22 7.74 25.39
C MET A 339 9.98 7.78 24.50
N ASN A 340 9.19 8.86 24.54
CA ASN A 340 8.02 8.93 23.68
C ASN A 340 8.40 9.17 22.23
N PHE A 341 9.49 9.91 21.99
CA PHE A 341 10.04 9.95 20.64
C PHE A 341 10.53 8.57 20.19
N CYS A 342 10.64 7.63 21.13
CA CYS A 342 10.89 6.22 20.87
C CYS A 342 9.62 5.46 20.52
N SER A 343 8.46 5.98 20.92
CA SER A 343 7.27 5.17 21.12
C SER A 343 6.64 4.71 19.80
N ARG A 344 6.06 3.50 19.83
CA ARG A 344 5.24 3.06 18.71
C ARG A 344 3.90 3.76 18.70
N GLU A 345 3.35 4.06 19.88
CA GLU A 345 2.02 4.63 20.01
C GLU A 345 1.99 6.15 19.89
N ASN A 346 3.13 6.78 19.64
CA ASN A 346 3.17 8.23 19.44
C ASN A 346 2.98 8.49 17.95
N PHE A 347 1.80 9.00 17.58
CA PHE A 347 1.46 9.10 16.17
C PHE A 347 2.14 10.26 15.47
N TRP A 348 2.62 11.25 16.23
CA TRP A 348 3.33 12.36 15.61
C TRP A 348 4.56 11.88 14.85
N LEU A 349 5.04 10.66 15.12
CA LEU A 349 6.20 10.15 14.41
C LEU A 349 5.87 9.75 12.97
N LEU A 350 4.59 9.56 12.65
CA LEU A 350 4.21 9.36 11.25
C LEU A 350 4.79 10.47 10.38
N ILE A 351 4.72 11.71 10.85
CA ILE A 351 5.27 12.85 10.13
C ILE A 351 6.75 12.62 9.88
N ASN A 352 7.57 12.66 10.94
CA ASN A 352 8.99 12.37 10.83
C ASN A 352 9.40 11.51 12.01
N SER A 353 9.85 10.28 11.73
CA SER A 353 10.32 9.37 12.77
C SER A 353 11.83 9.37 12.93
N THR A 354 12.56 10.23 12.23
CA THR A 354 14.01 10.16 12.19
C THR A 354 14.60 10.88 13.39
N ASP A 355 15.23 10.13 14.30
CA ASP A 355 15.89 10.60 15.51
C ASP A 355 15.18 11.82 16.08
N PRO A 356 13.91 11.70 16.49
CA PRO A 356 13.16 12.88 16.93
C PRO A 356 13.92 13.70 17.95
N ALA A 357 13.75 15.02 17.84
CA ALA A 357 14.43 16.01 18.68
C ALA A 357 15.93 15.82 18.64
N GLY A 358 16.42 15.11 17.63
CA GLY A 358 17.82 14.78 17.53
C GLY A 358 18.36 14.29 18.86
N GLN A 359 17.55 13.56 19.63
CA GLN A 359 17.96 13.28 21.00
C GLN A 359 18.99 12.17 21.07
N LEU A 360 18.84 11.11 20.27
CA LEU A 360 19.86 10.07 20.25
C LEU A 360 21.24 10.66 19.98
N GLN A 361 21.36 11.44 18.91
CA GLN A 361 22.62 12.13 18.66
C GLN A 361 23.08 12.88 19.90
N TRP A 362 22.20 13.69 20.49
CA TRP A 362 22.54 14.39 21.71
C TRP A 362 23.10 13.41 22.76
N LEU A 363 22.38 12.33 23.00
CA LEU A 363 22.86 11.31 23.93
C LEU A 363 24.29 10.90 23.60
N VAL A 364 24.56 10.63 22.32
CA VAL A 364 25.92 10.27 21.92
C VAL A 364 26.89 11.35 22.35
N GLY A 365 26.61 12.60 21.97
CA GLY A 365 27.48 13.69 22.39
C GLY A 365 27.75 13.66 23.87
N GLU A 366 26.73 13.31 24.66
CA GLU A 366 26.90 13.17 26.11
C GLU A 366 27.76 11.95 26.45
N LEU A 367 27.39 10.78 25.92
CA LEU A 367 28.12 9.57 26.24
C LEU A 367 29.59 9.70 25.86
N GLN A 368 29.87 10.17 24.64
CA GLN A 368 31.24 10.48 24.28
C GLN A 368 31.83 11.51 25.25
N ALA A 369 31.06 12.56 25.53
CA ALA A 369 31.49 13.52 26.54
C ALA A 369 31.85 12.84 27.84
N ALA A 370 31.16 11.73 28.14
CA ALA A 370 31.46 10.94 29.34
C ALA A 370 32.71 10.09 29.16
N GLU A 371 32.88 9.47 27.98
CA GLU A 371 34.09 8.70 27.74
C GLU A 371 35.31 9.58 27.96
N ASP A 372 35.39 10.68 27.22
CA ASP A 372 36.31 11.73 27.58
C ASP A 372 35.95 12.17 29.00
N ARG A 373 36.94 12.65 29.74
CA ARG A 373 36.71 13.01 31.13
C ARG A 373 36.71 11.79 32.03
N GLY A 374 36.60 10.59 31.45
CA GLY A 374 36.67 9.40 32.28
C GLY A 374 35.52 9.23 33.25
N ASP A 375 34.34 9.76 32.94
CA ASP A 375 33.19 9.63 33.81
C ASP A 375 32.30 8.46 33.37
N LYS A 376 31.25 8.22 34.16
CA LYS A 376 30.32 7.12 33.92
C LYS A 376 28.89 7.66 33.95
N VAL A 377 28.00 6.98 33.23
CA VAL A 377 26.67 7.49 32.93
C VAL A 377 25.59 6.54 33.44
N HIS A 378 24.56 7.11 34.05
CA HIS A 378 23.30 6.42 34.31
C HIS A 378 22.25 6.95 33.35
N ILE A 379 21.53 6.06 32.68
CA ILE A 379 20.43 6.42 31.81
C ILE A 379 19.13 5.99 32.48
N ILE A 380 18.13 6.87 32.41
CA ILE A 380 16.81 6.58 32.95
C ILE A 380 15.78 7.00 31.90
N GLY A 381 14.68 6.26 31.86
CA GLY A 381 13.62 6.55 30.89
C GLY A 381 12.41 5.70 31.19
N HIS A 382 11.29 6.09 30.56
CA HIS A 382 10.03 5.39 30.82
C HIS A 382 9.93 4.11 30.01
N ILE A 383 9.79 4.23 28.69
CA ILE A 383 9.61 3.07 27.84
C ILE A 383 10.96 2.39 27.63
N PRO A 384 11.08 1.08 27.86
CA PRO A 384 12.37 0.43 27.71
C PRO A 384 12.72 0.24 26.24
N PRO A 385 14.00 0.32 25.89
CA PRO A 385 14.39 -0.01 24.50
C PRO A 385 14.15 -1.49 24.26
N GLY A 386 13.58 -1.79 23.09
CA GLY A 386 13.06 -3.10 22.82
C GLY A 386 11.55 -3.15 22.85
N HIS A 387 10.92 -2.14 23.43
CA HIS A 387 9.52 -1.82 23.18
C HIS A 387 9.38 -0.74 22.11
N CYS A 388 10.49 -0.25 21.57
CA CYS A 388 10.48 0.88 20.65
C CYS A 388 10.35 0.41 19.21
N LEU A 389 10.31 1.36 18.28
CA LEU A 389 9.84 1.06 16.93
C LEU A 389 10.67 0.01 16.19
N LYS A 390 11.70 0.46 15.49
CA LYS A 390 12.68 -0.41 14.83
C LYS A 390 14.05 0.25 14.84
N SER A 391 14.16 1.35 14.10
CA SER A 391 15.42 2.04 13.92
C SER A 391 15.91 2.67 15.21
N TRP A 392 15.00 3.31 15.95
CA TRP A 392 15.37 3.89 17.24
C TRP A 392 16.01 2.83 18.12
N SER A 393 15.35 1.68 18.27
CA SER A 393 15.86 0.62 19.12
C SER A 393 17.25 0.17 18.68
N TRP A 394 17.42 -0.07 17.38
CA TRP A 394 18.71 -0.54 16.87
C TRP A 394 19.80 0.48 17.10
N ASN A 395 19.49 1.77 16.94
CA ASN A 395 20.49 2.80 17.19
C ASN A 395 20.85 2.86 18.66
N TYR A 396 19.86 2.71 19.54
CA TYR A 396 20.17 2.65 20.97
C TYR A 396 21.10 1.49 21.27
N TYR A 397 20.71 0.28 20.85
CA TYR A 397 21.55 -0.90 21.01
C TYR A 397 22.97 -0.61 20.54
N ARG A 398 23.10 -0.06 19.33
CA ARG A 398 24.42 0.27 18.79
C ARG A 398 25.18 1.20 19.74
N ILE A 399 24.48 2.15 20.36
CA ILE A 399 25.13 3.13 21.22
C ILE A 399 25.62 2.46 22.50
N VAL A 400 24.73 1.76 23.21
CA VAL A 400 25.15 1.11 24.45
C VAL A 400 26.31 0.16 24.18
N ALA A 401 26.23 -0.60 23.09
CA ALA A 401 27.32 -1.49 22.74
C ALA A 401 28.62 -0.72 22.56
N ARG A 402 28.57 0.40 21.84
CA ARG A 402 29.79 1.19 21.65
C ARG A 402 30.31 1.71 22.98
N TYR A 403 29.40 2.13 23.87
CA TYR A 403 29.72 2.87 25.09
C TYR A 403 29.79 2.00 26.34
N GLU A 404 29.90 0.68 26.21
CA GLU A 404 29.83 -0.24 27.34
C GLU A 404 30.56 0.28 28.57
N ASN A 405 31.89 0.44 28.46
CA ASN A 405 32.68 0.81 29.63
C ASN A 405 32.18 2.09 30.29
N THR A 406 31.61 3.02 29.50
CA THR A 406 31.17 4.28 30.08
C THR A 406 29.80 4.16 30.76
N LEU A 407 28.87 3.43 30.16
CA LEU A 407 27.52 3.35 30.69
C LEU A 407 27.47 2.35 31.84
N ALA A 408 27.18 2.84 33.05
CA ALA A 408 27.20 2.00 34.25
C ALA A 408 25.89 1.25 34.46
N ALA A 409 24.74 1.89 34.24
CA ALA A 409 23.47 1.25 34.50
C ALA A 409 22.37 1.95 33.71
N GLN A 410 21.24 1.28 33.58
CA GLN A 410 20.08 1.80 32.86
C GLN A 410 18.82 1.38 33.59
N PHE A 411 17.87 2.31 33.71
CA PHE A 411 16.65 2.08 34.46
C PHE A 411 15.46 2.51 33.61
N PHE A 412 14.41 1.69 33.61
CA PHE A 412 13.23 1.98 32.81
C PHE A 412 12.00 1.45 33.50
N GLY A 413 10.89 2.17 33.32
CA GLY A 413 9.59 1.76 33.83
C GLY A 413 8.62 1.29 32.77
N HIS A 414 7.40 1.60 32.93
CA HIS A 414 6.39 1.33 31.95
C HIS A 414 5.78 -0.01 31.90
N THR A 415 6.53 -0.98 32.11
CA THR A 415 5.99 -2.33 32.03
C THR A 415 4.99 -2.59 33.14
N HIS A 416 5.15 -1.89 34.26
CA HIS A 416 4.39 -2.09 35.50
C HIS A 416 4.73 -3.43 36.16
N VAL A 417 5.58 -4.25 35.52
CA VAL A 417 5.98 -5.55 36.06
C VAL A 417 7.49 -5.56 36.23
N ASP A 418 7.96 -6.54 37.01
CA ASP A 418 9.37 -6.62 37.41
C ASP A 418 10.12 -7.54 36.45
N GLU A 419 11.01 -6.96 35.66
CA GLU A 419 11.78 -7.72 34.68
C GLU A 419 13.04 -6.92 34.35
N PHE A 420 13.80 -7.40 33.37
CA PHE A 420 15.04 -6.75 32.96
C PHE A 420 15.27 -7.04 31.48
N GLU A 421 16.34 -6.45 30.93
CA GLU A 421 16.71 -6.68 29.54
C GLU A 421 18.23 -6.68 29.42
N VAL A 422 18.76 -7.65 28.68
CA VAL A 422 20.19 -7.84 28.53
C VAL A 422 20.62 -7.39 27.15
N PHE A 423 21.69 -6.60 27.10
CA PHE A 423 22.26 -6.12 25.85
C PHE A 423 23.49 -6.94 25.50
N TYR A 424 23.67 -7.25 24.23
CA TYR A 424 24.83 -8.01 23.79
C TYR A 424 25.68 -7.18 22.83
N ASP A 425 26.82 -7.74 22.45
CA ASP A 425 27.68 -7.08 21.47
C ASP A 425 27.02 -7.13 20.11
N GLU A 426 27.19 -6.06 19.33
CA GLU A 426 26.43 -5.92 18.09
C GLU A 426 26.88 -6.90 17.01
N GLU A 427 28.07 -7.50 17.14
CA GLU A 427 28.60 -8.38 16.10
C GLU A 427 28.06 -9.81 16.24
N THR A 428 28.53 -10.53 17.24
CA THR A 428 28.13 -11.92 17.45
C THR A 428 26.93 -12.10 18.36
N LEU A 429 26.53 -11.06 19.11
CA LEU A 429 25.41 -11.17 20.04
C LEU A 429 25.60 -12.31 21.04
N SER A 430 26.85 -12.69 21.29
CA SER A 430 27.13 -13.74 22.27
C SER A 430 27.53 -13.23 23.65
N ARG A 431 27.86 -11.95 23.80
CA ARG A 431 28.49 -11.44 25.02
C ARG A 431 27.61 -10.38 25.70
N PRO A 432 27.10 -10.61 26.91
CA PRO A 432 26.36 -9.55 27.60
C PRO A 432 27.28 -8.37 27.94
N LEU A 433 26.93 -7.18 27.44
CA LEU A 433 27.66 -5.97 27.76
C LEU A 433 26.94 -5.02 28.71
N ALA A 434 25.69 -5.30 29.08
CA ALA A 434 24.95 -4.37 29.93
C ALA A 434 23.54 -4.90 30.10
N VAL A 435 22.87 -4.40 31.14
CA VAL A 435 21.49 -4.78 31.43
C VAL A 435 20.73 -3.54 31.88
N ALA A 436 19.46 -3.47 31.48
CA ALA A 436 18.55 -2.43 31.92
C ALA A 436 17.55 -3.05 32.89
N PHE A 437 17.29 -2.35 33.98
CA PHE A 437 16.37 -2.83 35.01
C PHE A 437 15.00 -2.17 34.80
N LEU A 438 13.99 -3.00 34.60
CA LEU A 438 12.61 -2.53 34.42
C LEU A 438 11.87 -2.76 35.73
N ALA A 439 11.56 -1.66 36.42
CA ALA A 439 10.99 -1.70 37.76
C ALA A 439 9.48 -1.85 37.71
N PRO A 440 8.89 -2.55 38.67
CA PRO A 440 7.43 -2.67 38.71
C PRO A 440 6.77 -1.35 39.11
N SER A 441 5.48 -1.26 38.81
CA SER A 441 4.75 -0.02 38.98
C SER A 441 4.33 0.19 40.43
N ALA A 442 4.45 1.42 40.91
CA ALA A 442 3.77 1.80 42.14
C ALA A 442 2.27 1.61 42.02
N THR A 443 1.72 1.82 40.82
CA THR A 443 0.29 1.66 40.63
C THR A 443 -0.10 0.19 40.65
N THR A 444 -1.38 -0.05 40.89
CA THR A 444 -1.95 -1.39 40.93
C THR A 444 -2.49 -1.84 39.59
N TYR A 445 -2.33 -1.04 38.54
CA TYR A 445 -3.12 -1.18 37.32
C TYR A 445 -3.04 -2.59 36.77
N ILE A 446 -4.23 -3.19 36.60
CA ILE A 446 -4.42 -4.57 36.16
C ILE A 446 -3.85 -5.56 37.18
N GLY A 447 -4.43 -5.57 38.38
CA GLY A 447 -4.28 -6.67 39.32
C GLY A 447 -2.94 -6.89 39.98
N LEU A 448 -2.23 -5.82 40.32
CA LEU A 448 -0.92 -5.95 40.93
C LEU A 448 -0.91 -5.32 42.32
N ASN A 449 -0.10 -5.89 43.21
CA ASN A 449 0.22 -5.17 44.44
C ASN A 449 1.06 -3.95 44.10
N PRO A 450 0.83 -2.82 44.75
CA PRO A 450 1.72 -1.67 44.58
C PRO A 450 3.14 -2.01 45.03
N GLY A 451 4.11 -1.33 44.45
CA GLY A 451 5.50 -1.58 44.79
C GLY A 451 6.41 -0.46 44.35
N TYR A 452 7.59 -0.41 44.95
CA TYR A 452 8.68 0.47 44.54
C TYR A 452 9.99 -0.29 44.65
N ARG A 453 11.06 0.31 44.11
CA ARG A 453 12.34 -0.37 44.09
C ARG A 453 13.41 0.48 44.75
N VAL A 454 14.47 -0.18 45.22
CA VAL A 454 15.63 0.50 45.77
C VAL A 454 16.88 -0.19 45.25
N TYR A 455 17.82 0.60 44.75
CA TYR A 455 19.07 0.07 44.21
C TYR A 455 20.21 0.38 45.16
N GLN A 456 21.05 -0.62 45.40
CA GLN A 456 22.35 -0.43 46.00
C GLN A 456 23.36 -0.35 44.87
N ILE A 457 24.03 0.80 44.75
CA ILE A 457 24.90 1.11 43.63
C ILE A 457 26.27 1.49 44.18
N ASP A 458 27.31 1.19 43.41
CA ASP A 458 28.66 1.58 43.80
C ASP A 458 28.71 3.10 44.02
N GLY A 459 29.18 3.51 45.19
CA GLY A 459 28.93 4.84 45.72
C GLY A 459 29.79 5.94 45.13
N ASN A 460 29.86 7.05 45.87
CA ASN A 460 30.48 8.30 45.40
C ASN A 460 31.93 8.34 45.87
N TYR A 461 32.86 8.22 44.93
CA TYR A 461 34.29 8.29 45.18
C TYR A 461 35.00 8.03 43.86
N SER A 462 36.29 8.36 43.82
CA SER A 462 37.04 8.22 42.58
C SER A 462 37.25 6.74 42.26
N GLY A 463 37.11 6.40 40.98
CA GLY A 463 37.26 5.04 40.53
C GLY A 463 36.02 4.18 40.66
N SER A 464 34.96 4.70 41.27
CA SER A 464 33.72 3.94 41.43
C SER A 464 33.20 3.48 40.07
N SER A 465 32.69 2.25 40.03
CA SER A 465 32.08 1.74 38.81
C SER A 465 30.68 2.30 38.59
N HIS A 466 30.00 2.72 39.66
CA HIS A 466 28.65 3.28 39.58
C HIS A 466 27.65 2.27 38.99
N VAL A 467 27.89 0.98 39.23
CA VAL A 467 27.05 -0.07 38.69
C VAL A 467 26.19 -0.64 39.81
N VAL A 468 25.00 -1.10 39.45
CA VAL A 468 24.09 -1.64 40.44
C VAL A 468 24.74 -2.82 41.15
N LEU A 469 24.87 -2.73 42.47
CA LEU A 469 25.34 -3.86 43.26
C LEU A 469 24.21 -4.81 43.61
N ASP A 470 23.02 -4.28 43.89
CA ASP A 470 21.88 -5.13 44.24
C ASP A 470 20.63 -4.27 44.13
N HIS A 471 19.47 -4.89 44.34
CA HIS A 471 18.24 -4.13 44.42
C HIS A 471 17.21 -4.88 45.25
N GLU A 472 16.29 -4.12 45.84
CA GLU A 472 15.22 -4.63 46.68
C GLU A 472 13.90 -4.08 46.17
N THR A 473 12.83 -4.82 46.44
CA THR A 473 11.50 -4.48 45.93
C THR A 473 10.49 -4.53 47.06
N TYR A 474 9.87 -3.40 47.35
CA TYR A 474 8.84 -3.32 48.39
C TYR A 474 7.46 -3.30 47.74
N ILE A 475 6.50 -3.93 48.42
CA ILE A 475 5.13 -4.00 47.91
C ILE A 475 4.17 -3.83 49.08
N LEU A 476 2.94 -3.44 48.75
CA LEU A 476 1.85 -3.35 49.71
C LEU A 476 0.85 -4.46 49.39
N ASN A 477 0.76 -5.45 50.28
CA ASN A 477 -0.14 -6.57 50.03
C ASN A 477 -1.55 -6.11 50.32
N LEU A 478 -2.39 -6.04 49.29
CA LEU A 478 -3.72 -5.46 49.45
C LEU A 478 -4.66 -6.41 50.18
N THR A 479 -4.47 -7.71 50.02
CA THR A 479 -5.30 -8.67 50.74
C THR A 479 -5.26 -8.40 52.24
N GLN A 480 -4.08 -8.05 52.77
CA GLN A 480 -3.95 -7.71 54.18
C GLN A 480 -4.32 -6.25 54.48
N ALA A 481 -3.89 -5.32 53.63
CA ALA A 481 -4.03 -3.90 53.95
C ALA A 481 -5.48 -3.44 53.89
N ASN A 482 -6.29 -4.06 53.03
CA ASN A 482 -7.67 -3.64 52.88
C ASN A 482 -8.59 -4.23 53.94
N ILE A 483 -8.09 -5.09 54.83
CA ILE A 483 -8.95 -5.61 55.89
C ILE A 483 -9.25 -4.48 56.87
N PRO A 484 -10.51 -4.29 57.28
CA PRO A 484 -10.81 -3.23 58.24
C PRO A 484 -10.00 -3.40 59.51
N GLY A 485 -9.35 -2.33 59.94
CA GLY A 485 -8.49 -2.37 61.09
C GLY A 485 -7.05 -2.72 60.80
N ALA A 486 -6.74 -3.13 59.57
CA ALA A 486 -5.37 -3.50 59.24
C ALA A 486 -4.46 -2.27 59.31
N ILE A 487 -3.17 -2.54 59.44
CA ILE A 487 -2.16 -1.49 59.53
C ILE A 487 -1.36 -1.52 58.23
N PRO A 488 -1.36 -0.44 57.45
CA PRO A 488 -0.63 -0.47 56.19
C PRO A 488 0.85 -0.74 56.43
N HIS A 489 1.37 -1.74 55.72
CA HIS A 489 2.78 -2.12 55.84
C HIS A 489 3.36 -2.37 54.47
N TRP A 490 4.50 -1.75 54.19
CA TRP A 490 5.18 -1.94 52.92
C TRP A 490 6.30 -2.94 53.19
N GLN A 491 6.10 -4.18 52.75
CA GLN A 491 6.99 -5.26 53.12
C GLN A 491 8.14 -5.35 52.13
N LEU A 492 9.08 -6.26 52.39
CA LEU A 492 10.31 -6.30 51.62
C LEU A 492 10.23 -7.19 50.39
N LEU A 493 9.22 -8.06 50.28
CA LEU A 493 9.16 -8.97 49.15
C LEU A 493 10.48 -9.72 49.03
N TYR A 494 11.26 -9.45 47.98
CA TYR A 494 12.50 -10.16 47.74
C TYR A 494 13.69 -9.21 47.66
N ARG A 495 14.88 -9.80 47.79
CA ARG A 495 16.15 -9.19 47.40
C ARG A 495 16.75 -9.98 46.25
N ALA A 496 17.31 -9.27 45.27
CA ALA A 496 17.76 -9.89 44.03
C ALA A 496 18.82 -10.98 44.24
N ARG A 497 20.03 -10.56 44.62
CA ARG A 497 21.13 -11.51 44.76
C ARG A 497 20.74 -12.67 45.67
N GLU A 498 20.11 -12.34 46.81
CA GLU A 498 19.69 -13.37 47.76
C GLU A 498 18.77 -14.38 47.10
N THR A 499 17.83 -13.91 46.27
CA THR A 499 16.81 -14.79 45.71
C THR A 499 17.36 -15.66 44.60
N TYR A 500 18.12 -15.08 43.68
CA TYR A 500 18.56 -15.81 42.49
C TYR A 500 19.98 -16.37 42.62
N GLY A 501 20.64 -16.18 43.75
CA GLY A 501 22.00 -16.67 43.90
C GLY A 501 22.94 -16.12 42.85
N LEU A 502 22.94 -14.80 42.69
CA LEU A 502 23.82 -14.17 41.72
C LEU A 502 25.11 -13.73 42.41
N PRO A 503 26.28 -14.03 41.84
CA PRO A 503 27.52 -13.50 42.41
C PRO A 503 27.60 -11.99 42.34
N ASN A 504 26.84 -11.37 41.45
CA ASN A 504 26.75 -9.92 41.32
C ASN A 504 25.57 -9.61 40.40
N THR A 505 25.32 -8.33 40.21
CA THR A 505 24.23 -7.85 39.37
C THR A 505 24.68 -7.46 37.96
N LEU A 506 25.94 -7.71 37.61
CA LEU A 506 26.43 -7.40 36.27
C LEU A 506 25.72 -8.26 35.24
N PRO A 507 25.82 -7.89 33.95
CA PRO A 507 24.97 -8.53 32.93
C PRO A 507 25.14 -10.03 32.82
N THR A 508 26.38 -10.52 32.84
CA THR A 508 26.62 -11.96 32.74
C THR A 508 25.77 -12.74 33.72
N ALA A 509 25.62 -12.23 34.95
CA ALA A 509 24.82 -12.92 35.95
C ALA A 509 23.36 -13.02 35.52
N TRP A 510 22.82 -11.97 34.92
CA TRP A 510 21.42 -12.01 34.49
C TRP A 510 21.24 -12.93 33.29
N HIS A 511 22.23 -12.95 32.40
CA HIS A 511 22.25 -13.91 31.30
C HIS A 511 22.16 -15.33 31.84
N ASN A 512 23.12 -15.71 32.70
CA ASN A 512 23.12 -17.02 33.30
C ASN A 512 21.82 -17.30 34.04
N LEU A 513 21.19 -16.26 34.62
CA LEU A 513 19.91 -16.47 35.27
C LEU A 513 18.83 -16.84 34.24
N VAL A 514 18.84 -16.18 33.08
CA VAL A 514 17.83 -16.49 32.06
C VAL A 514 17.97 -17.94 31.61
N TYR A 515 19.18 -18.32 31.17
CA TYR A 515 19.32 -19.68 30.67
C TYR A 515 19.16 -20.70 31.78
N ARG A 516 19.51 -20.33 33.01
CA ARG A 516 19.25 -21.18 34.17
C ARG A 516 17.76 -21.40 34.39
N MET A 517 16.94 -20.37 34.12
CA MET A 517 15.49 -20.55 34.26
C MET A 517 14.89 -21.35 33.12
N ARG A 518 15.45 -21.23 31.91
CA ARG A 518 15.00 -22.10 30.82
C ARG A 518 14.94 -23.55 31.28
N GLY A 519 15.95 -24.00 32.03
CA GLY A 519 16.01 -25.34 32.56
C GLY A 519 15.18 -25.64 33.80
N ASP A 520 15.25 -24.78 34.82
CA ASP A 520 14.66 -25.06 36.13
C ASP A 520 13.31 -24.35 36.23
N MET A 521 12.24 -25.15 36.31
CA MET A 521 10.89 -24.57 36.31
C MET A 521 10.54 -23.93 37.64
N GLN A 522 11.02 -24.48 38.76
CA GLN A 522 10.75 -23.86 40.06
C GLN A 522 11.31 -22.45 40.12
N LEU A 523 12.57 -22.29 39.70
CA LEU A 523 13.19 -20.97 39.68
C LEU A 523 12.36 -19.99 38.87
N PHE A 524 11.98 -20.38 37.65
CA PHE A 524 11.16 -19.49 36.86
C PHE A 524 9.84 -19.18 37.58
N GLN A 525 9.29 -20.16 38.29
CA GLN A 525 8.09 -19.88 39.07
C GLN A 525 8.34 -18.77 40.07
N THR A 526 9.52 -18.78 40.70
CA THR A 526 9.89 -17.66 41.57
C THR A 526 9.91 -16.35 40.80
N PHE A 527 10.67 -16.30 39.69
CA PHE A 527 10.76 -15.08 38.91
C PHE A 527 9.40 -14.59 38.43
N TRP A 528 8.46 -15.51 38.24
CA TRP A 528 7.11 -15.17 37.79
C TRP A 528 6.29 -14.60 38.94
N PHE A 529 6.43 -15.19 40.12
CA PHE A 529 5.80 -14.65 41.32
C PHE A 529 6.25 -13.21 41.57
N LEU A 530 7.57 -12.98 41.52
CA LEU A 530 8.07 -11.63 41.72
C LEU A 530 7.73 -10.72 40.54
N TYR A 531 7.67 -11.29 39.34
CA TYR A 531 7.30 -10.54 38.13
C TYR A 531 6.04 -9.74 38.36
N HIS A 532 5.04 -10.35 38.99
CA HIS A 532 3.75 -9.75 39.27
C HIS A 532 3.72 -9.02 40.61
N LYS A 533 4.87 -8.87 41.27
CA LYS A 533 4.95 -8.20 42.57
C LYS A 533 4.18 -8.98 43.64
N GLY A 534 4.17 -10.30 43.52
CA GLY A 534 3.57 -11.16 44.52
C GLY A 534 2.12 -11.50 44.29
N HIS A 535 1.54 -11.06 43.17
CA HIS A 535 0.14 -11.33 42.84
C HIS A 535 0.05 -11.88 41.42
N PRO A 536 0.62 -13.06 41.18
CA PRO A 536 0.57 -13.63 39.82
C PRO A 536 -0.85 -13.99 39.45
N PRO A 537 -1.16 -14.05 38.15
CA PRO A 537 -2.54 -14.31 37.74
C PRO A 537 -2.94 -15.76 38.01
N SER A 538 -4.21 -16.08 37.74
CA SER A 538 -4.71 -17.43 37.99
C SER A 538 -4.23 -18.42 36.94
N GLU A 539 -4.04 -17.99 35.71
CA GLU A 539 -3.58 -18.91 34.68
C GLU A 539 -2.16 -19.38 35.01
N PRO A 540 -1.87 -20.67 34.84
CA PRO A 540 -0.61 -21.22 35.36
C PRO A 540 0.66 -20.74 34.65
N CYS A 541 0.57 -20.18 33.44
CA CYS A 541 1.77 -19.80 32.69
C CYS A 541 2.65 -21.04 32.43
N GLY A 542 2.18 -21.87 31.51
CA GLY A 542 2.91 -23.07 31.14
C GLY A 542 4.13 -22.75 30.29
N THR A 543 4.67 -23.82 29.70
CA THR A 543 5.97 -23.77 29.01
C THR A 543 6.06 -22.64 27.98
N PRO A 544 5.12 -22.50 27.04
CA PRO A 544 5.26 -21.42 26.05
C PRO A 544 5.27 -20.04 26.70
N CYS A 545 4.46 -19.85 27.74
CA CYS A 545 4.51 -18.59 28.49
C CYS A 545 5.92 -18.33 29.00
N ARG A 546 6.52 -19.32 29.66
CA ARG A 546 7.89 -19.16 30.14
C ARG A 546 8.83 -18.77 29.00
N LEU A 547 8.76 -19.49 27.89
CA LEU A 547 9.66 -19.20 26.77
C LEU A 547 9.49 -17.77 26.29
N ALA A 548 8.23 -17.34 26.11
CA ALA A 548 7.98 -15.96 25.70
C ALA A 548 8.61 -14.98 26.68
N THR A 549 8.46 -15.24 27.98
CA THR A 549 8.95 -14.31 28.99
C THR A 549 10.47 -14.22 28.97
N LEU A 550 11.15 -15.37 29.01
CA LEU A 550 12.61 -15.36 28.98
C LEU A 550 13.12 -14.67 27.72
N CYS A 551 12.52 -15.00 26.57
CA CYS A 551 12.85 -14.31 25.34
C CYS A 551 12.71 -12.81 25.49
N ALA A 552 11.64 -12.37 26.17
CA ALA A 552 11.49 -10.94 26.45
C ALA A 552 12.66 -10.42 27.26
N GLN A 553 13.08 -11.19 28.27
CA GLN A 553 14.21 -10.76 29.09
C GLN A 553 15.48 -10.60 28.27
N LEU A 554 15.62 -11.37 27.19
CA LEU A 554 16.83 -11.28 26.38
C LEU A 554 16.75 -10.27 25.24
N SER A 555 15.58 -9.70 24.95
CA SER A 555 15.44 -8.81 23.80
C SER A 555 15.44 -7.36 24.26
N ALA A 556 16.59 -6.70 24.10
CA ALA A 556 16.71 -5.27 24.33
C ALA A 556 16.63 -4.48 23.04
N ARG A 557 16.52 -5.17 21.90
CA ARG A 557 16.46 -4.54 20.60
C ARG A 557 15.18 -5.02 19.94
N ALA A 558 14.33 -4.06 19.54
CA ALA A 558 13.07 -4.41 18.92
C ALA A 558 13.32 -5.25 17.67
N ASP A 559 12.35 -6.12 17.36
CA ASP A 559 12.53 -7.12 16.30
C ASP A 559 13.67 -8.00 16.76
N SER A 560 14.68 -8.26 15.93
CA SER A 560 15.82 -9.08 16.31
C SER A 560 15.37 -10.39 16.97
N PRO A 561 14.66 -11.26 16.23
CA PRO A 561 14.27 -12.55 16.81
C PRO A 561 15.46 -13.43 17.14
N ALA A 562 16.56 -13.29 16.40
CA ALA A 562 17.74 -14.09 16.65
C ALA A 562 18.21 -14.03 18.09
N LEU A 563 17.90 -12.93 18.81
CA LEU A 563 18.35 -12.81 20.18
C LEU A 563 17.85 -13.96 21.04
N CYS A 564 16.71 -14.55 20.68
CA CYS A 564 16.12 -15.66 21.43
C CYS A 564 16.51 -17.02 20.85
N ARG A 565 17.40 -17.07 19.85
CA ARG A 565 17.74 -18.32 19.15
C ARG A 565 18.12 -19.46 20.10
N HIS A 566 18.89 -19.17 21.14
CA HIS A 566 19.38 -20.26 21.99
C HIS A 566 18.32 -20.82 22.92
N LEU A 567 17.13 -20.23 22.97
CA LEU A 567 16.00 -20.79 23.72
C LEU A 567 15.20 -21.67 22.75
N MET A 568 15.23 -22.98 22.97
CA MET A 568 14.49 -23.90 22.08
C MET A 568 13.00 -23.89 22.35
N PHE B 39 -9.93 1.85 25.64
CA PHE B 39 -8.76 1.03 25.94
C PHE B 39 -7.60 1.39 25.03
N GLY B 40 -7.01 2.55 25.25
CA GLY B 40 -5.89 3.00 24.45
C GLY B 40 -6.33 3.49 23.08
N TRP B 41 -5.46 4.29 22.46
CA TRP B 41 -5.80 4.87 21.16
C TRP B 41 -5.60 3.89 20.01
N GLY B 42 -4.70 2.90 20.18
CA GLY B 42 -4.38 2.03 19.07
C GLY B 42 -5.58 1.39 18.41
N ASN B 43 -6.66 1.22 19.16
CA ASN B 43 -7.89 0.64 18.61
C ASN B 43 -8.67 1.62 17.73
N LEU B 44 -8.44 2.93 17.89
CA LEU B 44 -9.20 3.94 17.16
C LEU B 44 -8.69 4.20 15.74
N THR B 45 -7.44 3.84 15.44
CA THR B 45 -6.88 4.18 14.14
C THR B 45 -7.82 3.81 13.00
N CYS B 46 -8.37 2.60 13.05
CA CYS B 46 -9.28 2.15 11.99
C CYS B 46 -10.48 3.07 11.84
N PRO B 47 -11.32 3.28 12.87
CA PRO B 47 -12.45 4.18 12.70
C PRO B 47 -12.07 5.59 12.29
N ILE B 48 -11.00 6.15 12.87
CA ILE B 48 -10.55 7.48 12.45
C ILE B 48 -10.17 7.48 10.99
N CYS B 49 -9.58 6.39 10.51
CA CYS B 49 -9.26 6.29 9.09
C CYS B 49 -10.52 6.30 8.24
N LYS B 50 -11.45 5.38 8.54
CA LYS B 50 -12.66 5.26 7.74
C LYS B 50 -13.43 6.58 7.70
N GLY B 51 -13.60 7.22 8.86
CA GLY B 51 -14.22 8.53 8.85
C GLY B 51 -13.43 9.53 8.03
N LEU B 52 -12.09 9.46 8.12
CA LEU B 52 -11.24 10.36 7.36
C LEU B 52 -11.55 10.27 5.87
N PHE B 53 -11.59 9.05 5.32
CA PHE B 53 -11.82 8.90 3.89
C PHE B 53 -13.29 9.05 3.51
N THR B 54 -14.22 8.94 4.45
CA THR B 54 -15.60 9.33 4.17
C THR B 54 -15.67 10.84 3.96
N ALA B 55 -15.02 11.60 4.85
CA ALA B 55 -15.01 13.05 4.70
C ALA B 55 -14.29 13.47 3.43
N ILE B 56 -13.19 12.79 3.08
CA ILE B 56 -12.52 13.10 1.82
C ILE B 56 -13.45 12.81 0.65
N ASN B 57 -14.10 11.64 0.67
CA ASN B 57 -15.04 11.25 -0.37
C ASN B 57 -16.08 12.35 -0.60
N LEU B 58 -16.90 12.62 0.40
CA LEU B 58 -17.91 13.67 0.25
C LEU B 58 -17.26 15.01 -0.07
N GLY B 59 -15.99 15.21 0.29
CA GLY B 59 -15.36 16.49 0.04
C GLY B 59 -15.07 16.72 -1.43
N LEU B 60 -14.48 15.73 -2.08
CA LEU B 60 -14.19 15.85 -3.51
C LEU B 60 -15.38 15.43 -4.38
N LYS B 61 -16.49 15.02 -3.77
CA LYS B 61 -17.72 14.82 -4.54
C LYS B 61 -18.29 16.12 -5.07
N LYS B 62 -17.77 17.27 -4.65
CA LYS B 62 -18.23 18.57 -5.13
C LYS B 62 -17.36 19.06 -6.28
N GLU B 63 -17.99 19.74 -7.24
CA GLU B 63 -17.29 20.13 -8.47
C GLU B 63 -16.13 21.08 -8.24
N PRO B 64 -16.23 22.09 -7.36
CA PRO B 64 -15.08 23.03 -7.21
C PRO B 64 -13.77 22.32 -6.93
N ASN B 65 -13.79 21.34 -6.02
CA ASN B 65 -12.59 20.58 -5.73
C ASN B 65 -12.10 19.82 -6.95
N VAL B 66 -13.03 19.25 -7.72
CA VAL B 66 -12.65 18.61 -8.99
C VAL B 66 -11.89 19.59 -9.86
N ALA B 67 -12.38 20.84 -9.92
CA ALA B 67 -11.65 21.87 -10.65
C ALA B 67 -10.24 22.05 -10.09
N ARG B 68 -10.11 22.08 -8.76
CA ARG B 68 -8.80 22.27 -8.15
C ARG B 68 -7.83 21.15 -8.54
N VAL B 69 -8.26 19.89 -8.38
CA VAL B 69 -7.41 18.78 -8.79
C VAL B 69 -7.04 18.91 -10.25
N GLY B 70 -8.02 19.29 -11.09
CA GLY B 70 -7.74 19.48 -12.50
C GLY B 70 -6.63 20.49 -12.74
N SER B 71 -6.70 21.65 -12.06
CA SER B 71 -5.73 22.71 -12.30
C SER B 71 -4.35 22.31 -11.80
N VAL B 72 -4.27 21.68 -10.62
CA VAL B 72 -2.99 21.19 -10.15
C VAL B 72 -2.41 20.20 -11.15
N ALA B 73 -3.26 19.30 -11.66
CA ALA B 73 -2.81 18.36 -12.66
C ALA B 73 -2.32 19.07 -13.92
N ILE B 74 -2.96 20.17 -14.29
CA ILE B 74 -2.53 20.92 -15.46
C ILE B 74 -1.13 21.48 -15.24
N LYS B 75 -0.91 22.11 -14.09
CA LYS B 75 0.41 22.65 -13.80
C LYS B 75 1.46 21.53 -13.81
N LEU B 76 1.10 20.37 -13.27
CA LEU B 76 2.04 19.24 -13.24
C LEU B 76 2.35 18.76 -14.66
N CYS B 77 1.33 18.60 -15.50
CA CYS B 77 1.54 18.24 -16.90
C CYS B 77 2.51 19.21 -17.56
N ASN B 78 2.27 20.51 -17.38
CA ASN B 78 3.21 21.50 -17.90
C ASN B 78 4.61 21.29 -17.34
N LEU B 79 4.71 20.80 -16.10
CA LEU B 79 6.02 20.56 -15.50
C LEU B 79 6.75 19.41 -16.20
N LEU B 80 6.05 18.28 -16.41
CA LEU B 80 6.63 17.14 -17.11
C LEU B 80 6.81 17.40 -18.60
N LYS B 81 6.34 18.55 -19.08
CA LYS B 81 6.28 18.97 -20.48
C LYS B 81 5.51 17.92 -21.28
N ILE B 82 5.84 17.74 -22.56
CA ILE B 82 5.29 16.66 -23.38
C ILE B 82 3.82 16.40 -23.03
N ALA B 83 2.90 17.24 -23.50
CA ALA B 83 3.02 18.03 -24.72
C ALA B 83 2.63 19.50 -24.52
N PRO B 84 2.54 20.28 -25.60
CA PRO B 84 2.30 21.73 -25.48
C PRO B 84 1.14 22.04 -24.54
N PRO B 85 1.20 23.21 -23.88
CA PRO B 85 0.27 23.48 -22.77
C PRO B 85 -1.20 23.32 -23.11
N ALA B 86 -1.62 23.80 -24.28
CA ALA B 86 -3.04 23.70 -24.64
C ALA B 86 -3.50 22.24 -24.61
N VAL B 87 -2.64 21.32 -25.02
CA VAL B 87 -3.00 19.91 -25.01
C VAL B 87 -3.19 19.43 -23.58
N CYS B 88 -2.24 19.73 -22.70
CA CYS B 88 -2.40 19.39 -21.28
C CYS B 88 -3.74 19.87 -20.77
N GLN B 89 -4.00 21.18 -20.92
CA GLN B 89 -5.24 21.76 -20.42
C GLN B 89 -6.46 21.03 -20.95
N SER B 90 -6.57 20.87 -22.28
CA SER B 90 -7.76 20.26 -22.85
C SER B 90 -7.93 18.83 -22.36
N ILE B 91 -6.85 18.04 -22.40
CA ILE B 91 -6.95 16.63 -22.04
C ILE B 91 -7.40 16.47 -20.59
N VAL B 92 -6.75 17.21 -19.69
CA VAL B 92 -7.11 17.09 -18.27
C VAL B 92 -8.53 17.58 -18.05
N HIS B 93 -8.94 18.67 -18.72
CA HIS B 93 -10.31 19.12 -18.62
C HIS B 93 -11.28 18.05 -19.09
N LEU B 94 -10.86 17.20 -20.03
CA LEU B 94 -11.73 16.14 -20.52
C LEU B 94 -11.80 14.97 -19.53
N PHE B 95 -10.68 14.62 -18.90
CA PHE B 95 -10.65 13.46 -18.01
C PHE B 95 -11.14 13.75 -16.58
N GLU B 96 -10.96 14.98 -16.09
CA GLU B 96 -11.03 15.25 -14.65
C GLU B 96 -12.29 14.68 -14.02
N ASP B 97 -13.46 15.02 -14.57
CA ASP B 97 -14.73 14.60 -14.01
C ASP B 97 -14.75 13.11 -13.69
N ASP B 98 -14.75 12.30 -14.74
CA ASP B 98 -14.89 10.86 -14.56
C ASP B 98 -13.72 10.26 -13.80
N MET B 99 -12.51 10.79 -14.00
CA MET B 99 -11.36 10.30 -13.24
C MET B 99 -11.60 10.41 -11.74
N VAL B 100 -11.86 11.64 -11.26
CA VAL B 100 -12.17 11.83 -9.85
C VAL B 100 -13.31 10.92 -9.44
N GLU B 101 -14.31 10.76 -10.31
CA GLU B 101 -15.41 9.83 -9.99
C GLU B 101 -14.87 8.46 -9.60
N VAL B 102 -14.02 7.88 -10.44
CA VAL B 102 -13.58 6.51 -10.20
C VAL B 102 -12.66 6.44 -8.98
N TRP B 103 -11.70 7.36 -8.87
CA TRP B 103 -10.83 7.33 -7.70
C TRP B 103 -11.64 7.44 -6.41
N ARG B 104 -12.57 8.39 -6.36
CA ARG B 104 -13.44 8.51 -5.21
C ARG B 104 -14.17 7.20 -4.93
N ARG B 105 -14.63 6.52 -5.98
CA ARG B 105 -15.41 5.31 -5.78
C ARG B 105 -14.57 4.06 -5.56
N SER B 106 -13.26 4.11 -5.78
CA SER B 106 -12.46 2.89 -5.63
C SER B 106 -11.29 3.05 -4.66
N VAL B 107 -10.30 3.82 -5.35
CA VAL B 107 -9.04 3.90 -4.62
C VAL B 107 -9.23 4.55 -3.26
N LEU B 108 -9.99 5.64 -3.21
CA LEU B 108 -10.12 6.40 -1.98
C LEU B 108 -11.34 6.02 -1.16
N SER B 109 -12.19 5.13 -1.66
CA SER B 109 -13.39 4.77 -0.92
C SER B 109 -12.97 4.18 0.41
N PRO B 110 -13.32 4.71 1.54
CA PRO B 110 -12.81 4.03 2.71
C PRO B 110 -13.67 2.82 2.90
N SER B 111 -13.13 1.63 2.80
CA SER B 111 -11.78 1.41 2.38
C SER B 111 -11.97 -0.05 2.09
N GLU B 112 -11.12 -0.63 1.27
CA GLU B 112 -10.06 0.04 0.56
C GLU B 112 -8.97 0.77 1.27
N ALA B 113 -8.80 2.01 0.89
CA ALA B 113 -7.67 2.82 1.34
C ALA B 113 -7.21 2.45 2.75
N CYS B 114 -8.15 2.40 3.70
CA CYS B 114 -7.78 1.98 5.05
C CYS B 114 -7.29 0.53 5.06
N GLY B 115 -7.99 -0.34 4.34
CA GLY B 115 -7.50 -1.70 4.16
C GLY B 115 -6.13 -1.77 3.53
N LEU B 116 -5.72 -0.72 2.82
CA LEU B 116 -4.36 -0.65 2.29
C LEU B 116 -3.38 -0.24 3.38
N LEU B 117 -3.72 0.80 4.14
CA LEU B 117 -2.80 1.33 5.15
C LEU B 117 -2.76 0.47 6.41
N LEU B 118 -3.86 -0.21 6.72
CA LEU B 118 -3.92 -1.13 7.86
C LEU B 118 -4.07 -2.57 7.38
N GLY B 119 -5.17 -2.88 6.70
CA GLY B 119 -5.32 -4.15 6.02
C GLY B 119 -6.04 -5.19 6.87
N SER B 120 -6.62 -6.17 6.17
CA SER B 120 -7.25 -7.29 6.87
C SER B 120 -8.28 -6.76 7.85
N THR B 121 -7.96 -6.79 9.14
CA THR B 121 -8.85 -6.37 10.23
C THR B 121 -9.59 -5.09 9.89
N CYS B 122 -8.94 -4.14 9.22
CA CYS B 122 -9.58 -2.88 8.84
C CYS B 122 -9.57 -2.77 7.32
N GLY B 123 -10.75 -2.83 6.72
CA GLY B 123 -10.89 -2.69 5.29
C GLY B 123 -10.40 -3.88 4.50
N HIS B 124 -10.72 -3.91 3.21
CA HIS B 124 -10.26 -4.97 2.31
C HIS B 124 -9.87 -4.34 0.98
N TRP B 125 -8.64 -4.57 0.55
CA TRP B 125 -8.13 -4.00 -0.69
C TRP B 125 -8.14 -5.10 -1.75
N ASP B 126 -9.13 -5.02 -2.65
CA ASP B 126 -9.30 -6.00 -3.72
C ASP B 126 -8.84 -5.50 -5.08
N ILE B 127 -8.27 -4.29 -5.16
CA ILE B 127 -8.02 -3.66 -6.46
C ILE B 127 -7.23 -4.61 -7.34
N PHE B 128 -7.76 -4.87 -8.54
CA PHE B 128 -7.12 -5.77 -9.50
C PHE B 128 -6.85 -7.14 -8.89
N SER B 129 -7.78 -7.62 -8.07
CA SER B 129 -7.66 -8.93 -7.45
C SER B 129 -7.96 -10.03 -8.45
N SER B 130 -7.46 -11.23 -8.14
CA SER B 130 -7.71 -12.40 -8.96
C SER B 130 -9.18 -12.81 -8.90
N TRP B 131 -9.62 -13.49 -9.96
CA TRP B 131 -10.97 -14.04 -10.04
C TRP B 131 -10.97 -15.17 -11.05
N ASN B 132 -12.02 -16.01 -10.98
CA ASN B 132 -12.16 -17.14 -11.88
C ASN B 132 -13.60 -17.23 -12.38
N ILE B 133 -13.75 -17.73 -13.61
CA ILE B 133 -15.05 -17.71 -14.29
C ILE B 133 -15.85 -18.99 -14.13
N SER B 134 -15.25 -20.06 -13.63
CA SER B 134 -16.02 -21.28 -13.34
C SER B 134 -16.69 -21.88 -14.59
N LEU B 135 -15.90 -22.55 -15.44
CA LEU B 135 -16.46 -23.24 -16.60
C LEU B 135 -17.54 -24.24 -16.17
N PRO B 136 -18.45 -24.58 -17.08
CA PRO B 136 -19.47 -25.57 -16.75
C PRO B 136 -18.88 -26.96 -16.59
N THR B 137 -19.65 -27.84 -15.94
CA THR B 137 -19.17 -29.16 -15.56
C THR B 137 -19.15 -30.15 -16.72
N VAL B 138 -19.67 -29.79 -17.89
CA VAL B 138 -19.70 -30.74 -19.01
C VAL B 138 -18.28 -31.22 -19.29
N PRO B 139 -18.04 -32.53 -19.39
CA PRO B 139 -16.68 -33.02 -19.63
C PRO B 139 -16.16 -32.68 -21.02
N LYS B 140 -14.90 -32.31 -21.08
CA LYS B 140 -14.32 -31.86 -22.34
C LYS B 140 -14.27 -33.01 -23.34
N PRO B 141 -14.77 -32.82 -24.56
CA PRO B 141 -14.71 -33.91 -25.53
C PRO B 141 -13.28 -34.26 -25.85
N PRO B 142 -13.02 -35.50 -26.27
CA PRO B 142 -11.64 -35.93 -26.53
C PRO B 142 -11.03 -35.13 -27.66
N PRO B 143 -9.78 -34.70 -27.52
CA PRO B 143 -9.16 -33.85 -28.54
C PRO B 143 -9.09 -34.57 -29.88
N LYS B 144 -8.88 -33.77 -30.92
CA LYS B 144 -8.79 -34.28 -32.29
C LYS B 144 -8.48 -33.13 -33.24
N PRO B 145 -7.61 -33.34 -34.22
CA PRO B 145 -7.28 -32.28 -35.16
C PRO B 145 -8.39 -32.10 -36.18
N PRO B 146 -8.55 -30.90 -36.74
CA PRO B 146 -9.57 -30.71 -37.77
C PRO B 146 -9.17 -31.45 -39.04
N SER B 147 -10.16 -31.93 -39.74
CA SER B 147 -9.59 -32.66 -40.86
C SER B 147 -9.39 -31.73 -42.06
N PRO B 148 -8.36 -31.99 -42.85
CA PRO B 148 -8.12 -31.16 -44.04
C PRO B 148 -9.36 -31.14 -44.91
N PRO B 149 -9.73 -29.98 -45.45
CA PRO B 149 -10.94 -29.91 -46.28
C PRO B 149 -10.80 -30.78 -47.51
N ALA B 150 -11.90 -31.43 -47.89
CA ALA B 150 -11.88 -32.28 -49.06
C ALA B 150 -11.52 -31.46 -50.30
N PRO B 151 -10.91 -32.08 -51.31
CA PRO B 151 -10.59 -31.34 -52.53
C PRO B 151 -11.87 -30.85 -53.20
N GLY B 152 -11.80 -29.64 -53.76
CA GLY B 152 -12.95 -29.00 -54.35
C GLY B 152 -13.99 -28.52 -53.35
N ALA B 153 -13.69 -28.54 -52.07
CA ALA B 153 -14.62 -28.10 -51.05
C ALA B 153 -14.83 -26.58 -51.12
N PRO B 154 -15.94 -26.09 -50.59
CA PRO B 154 -16.21 -24.65 -50.65
C PRO B 154 -15.29 -23.85 -49.75
N VAL B 155 -15.20 -22.56 -50.05
CA VAL B 155 -14.36 -21.62 -49.32
C VAL B 155 -15.13 -20.33 -49.09
N SER B 156 -15.00 -19.78 -47.89
CA SER B 156 -15.65 -18.53 -47.48
C SER B 156 -14.59 -17.45 -47.39
N ARG B 157 -14.72 -16.41 -48.22
CA ARG B 157 -13.79 -15.28 -48.20
C ARG B 157 -14.33 -14.21 -47.27
N ILE B 158 -13.51 -13.75 -46.35
CA ILE B 158 -13.91 -12.76 -45.35
C ILE B 158 -12.93 -11.60 -45.37
N LEU B 159 -13.44 -10.38 -45.52
CA LEU B 159 -12.64 -9.17 -45.48
C LEU B 159 -12.52 -8.70 -44.03
N PHE B 160 -11.29 -8.42 -43.61
CA PHE B 160 -11.03 -7.99 -42.24
C PHE B 160 -10.53 -6.55 -42.27
N LEU B 161 -11.34 -5.64 -41.76
CA LEU B 161 -10.96 -4.23 -41.61
C LEU B 161 -10.77 -3.93 -40.13
N THR B 162 -9.74 -3.16 -39.83
CA THR B 162 -9.51 -2.75 -38.45
C THR B 162 -8.73 -1.45 -38.41
N ASP B 163 -8.92 -0.71 -37.34
CA ASP B 163 -8.14 0.49 -37.04
C ASP B 163 -8.11 1.44 -38.24
N LEU B 164 -9.29 1.94 -38.61
CA LEU B 164 -9.37 2.87 -39.73
C LEU B 164 -8.90 4.25 -39.33
N HIS B 165 -9.26 4.71 -38.14
CA HIS B 165 -8.72 5.93 -37.54
C HIS B 165 -8.86 7.12 -38.50
N TRP B 166 -10.10 7.55 -38.67
CA TRP B 166 -10.42 8.66 -39.57
C TRP B 166 -10.25 10.00 -38.85
N ASP B 167 -9.35 10.83 -39.36
CA ASP B 167 -9.04 12.10 -38.71
C ASP B 167 -10.13 13.13 -38.94
N HIS B 168 -10.52 13.32 -40.21
CA HIS B 168 -11.50 14.33 -40.64
C HIS B 168 -10.90 15.72 -40.62
N ASP B 169 -9.85 15.91 -39.84
CA ASP B 169 -9.05 17.13 -39.87
C ASP B 169 -7.76 16.96 -40.64
N TYR B 170 -7.53 15.80 -41.25
CA TYR B 170 -6.33 15.62 -42.04
C TYR B 170 -6.27 16.67 -43.13
N LEU B 171 -5.13 17.33 -43.25
CA LEU B 171 -4.94 18.38 -44.24
C LEU B 171 -3.59 18.20 -44.91
N GLU B 172 -3.60 17.98 -46.22
CA GLU B 172 -2.35 17.85 -46.95
C GLU B 172 -1.54 19.14 -46.85
N GLY B 173 -0.22 18.99 -46.89
CA GLY B 173 0.69 20.12 -46.80
C GLY B 173 1.06 20.54 -45.40
N THR B 174 0.29 20.13 -44.38
CA THR B 174 0.59 20.53 -43.03
C THR B 174 1.84 19.80 -42.52
N ASP B 175 2.20 20.06 -41.27
CA ASP B 175 3.45 19.56 -40.71
C ASP B 175 3.29 18.10 -40.29
N PRO B 176 4.04 17.17 -40.88
CA PRO B 176 3.93 15.78 -40.41
C PRO B 176 4.51 15.54 -39.04
N ASP B 177 5.65 16.18 -38.72
CA ASP B 177 6.27 16.05 -37.41
C ASP B 177 6.11 17.38 -36.69
N CYS B 178 5.21 17.40 -35.72
CA CYS B 178 4.89 18.60 -34.96
C CYS B 178 4.87 18.22 -33.48
N ALA B 179 4.82 19.24 -32.61
CA ALA B 179 4.68 18.96 -31.19
C ALA B 179 3.19 18.90 -30.92
N ASP B 180 2.68 17.70 -30.73
CA ASP B 180 1.28 17.36 -30.64
C ASP B 180 1.17 15.85 -30.68
N PRO B 181 0.20 15.25 -29.98
CA PRO B 181 0.00 13.80 -30.13
C PRO B 181 -0.34 13.38 -31.54
N LEU B 182 -0.84 14.29 -32.38
CA LEU B 182 -1.26 13.97 -33.74
C LEU B 182 -1.00 15.17 -34.65
N CYS B 183 -0.52 14.91 -35.86
CA CYS B 183 -0.19 15.98 -36.79
C CYS B 183 -0.89 15.78 -38.15
N CYS B 184 -0.51 16.58 -39.15
CA CYS B 184 -1.13 16.53 -40.48
C CYS B 184 -2.57 16.99 -40.49
N ARG B 185 -2.97 17.82 -39.53
CA ARG B 185 -4.37 18.19 -39.37
C ARG B 185 -4.50 19.71 -39.29
N ARG B 186 -5.74 20.17 -39.15
CA ARG B 186 -5.98 21.57 -38.89
C ARG B 186 -5.29 21.97 -37.60
N GLY B 187 -4.49 23.04 -37.66
CA GLY B 187 -3.82 23.53 -36.47
C GLY B 187 -2.42 22.99 -36.25
N SER B 188 -1.90 22.18 -37.16
CA SER B 188 -0.52 21.73 -37.06
C SER B 188 0.47 22.68 -37.70
N GLY B 189 -0.02 23.71 -38.41
CA GLY B 189 0.85 24.67 -39.04
C GLY B 189 1.47 24.15 -40.32
N LEU B 190 2.56 24.81 -40.71
CA LEU B 190 3.28 24.43 -41.91
C LEU B 190 4.69 24.00 -41.54
N PRO B 191 5.27 23.06 -42.30
CA PRO B 191 6.64 22.64 -42.01
C PRO B 191 7.63 23.73 -42.37
N PRO B 192 8.59 24.02 -41.49
CA PRO B 192 9.59 25.03 -41.81
C PRO B 192 10.66 24.50 -42.76
N ALA B 193 11.12 25.39 -43.64
CA ALA B 193 12.34 25.19 -44.44
C ALA B 193 12.23 23.89 -45.24
N SER B 194 13.13 22.93 -45.06
CA SER B 194 13.33 21.83 -46.00
C SER B 194 12.41 20.64 -45.80
N ARG B 195 11.71 20.54 -44.67
CA ARG B 195 10.85 19.39 -44.48
C ARG B 195 9.58 19.53 -45.33
N PRO B 196 9.26 18.55 -46.17
CA PRO B 196 8.04 18.65 -46.97
C PRO B 196 6.80 18.43 -46.12
N GLY B 197 5.66 18.83 -46.67
CA GLY B 197 4.40 18.69 -45.99
C GLY B 197 3.86 17.27 -46.02
N ALA B 198 2.59 17.15 -45.62
CA ALA B 198 1.92 15.86 -45.58
C ALA B 198 1.40 15.46 -46.95
N GLY B 199 1.45 14.15 -47.23
CA GLY B 199 0.97 13.66 -48.50
C GLY B 199 -0.53 13.80 -48.66
N TYR B 200 -0.97 13.74 -49.91
CA TYR B 200 -2.40 13.88 -50.19
C TYR B 200 -3.19 12.69 -49.62
N TRP B 201 -2.65 11.48 -49.73
CA TRP B 201 -3.33 10.26 -49.33
C TRP B 201 -3.02 9.82 -47.91
N GLY B 202 -2.35 10.66 -47.14
CA GLY B 202 -1.84 10.31 -45.82
C GLY B 202 -0.31 10.31 -45.79
N GLU B 203 0.21 10.27 -44.57
CA GLU B 203 1.62 10.51 -44.32
C GLU B 203 2.24 9.39 -43.50
N TYR B 204 3.57 9.34 -43.51
CA TYR B 204 4.33 8.27 -42.88
C TYR B 204 4.75 8.58 -41.44
N SER B 205 4.29 9.68 -40.84
CA SER B 205 4.63 9.92 -39.44
C SER B 205 3.44 10.46 -38.65
N LYS B 206 3.06 9.72 -37.60
CA LYS B 206 2.17 10.22 -36.55
C LYS B 206 0.96 10.96 -37.11
N CYS B 207 0.31 10.35 -38.10
CA CYS B 207 -0.93 10.92 -38.63
C CYS B 207 -1.91 9.82 -39.03
N ASP B 208 -3.19 10.03 -38.70
CA ASP B 208 -4.26 9.16 -39.19
C ASP B 208 -4.59 9.50 -40.65
N LEU B 209 -5.66 8.84 -41.20
CA LEU B 209 -6.12 8.83 -42.59
C LEU B 209 -7.16 9.90 -42.85
N PRO B 210 -7.10 10.59 -43.98
CA PRO B 210 -8.25 11.36 -44.45
C PRO B 210 -9.30 10.45 -45.06
N LEU B 211 -10.56 10.90 -44.98
CA LEU B 211 -11.66 10.07 -45.44
C LEU B 211 -11.47 9.59 -46.88
N ARG B 212 -10.81 10.40 -47.71
CA ARG B 212 -10.63 10.04 -49.10
C ARG B 212 -9.83 8.75 -49.24
N THR B 213 -8.87 8.51 -48.35
CA THR B 213 -8.09 7.27 -48.43
C THR B 213 -8.92 6.06 -48.03
N LEU B 214 -9.89 6.24 -47.12
CA LEU B 214 -10.84 5.16 -46.86
C LEU B 214 -11.73 4.92 -48.07
N GLU B 215 -12.15 5.99 -48.75
CA GLU B 215 -12.89 5.81 -50.01
C GLU B 215 -12.06 5.02 -51.01
N SER B 216 -10.77 5.34 -51.11
CA SER B 216 -9.89 4.61 -52.02
C SER B 216 -9.85 3.14 -51.65
N LEU B 217 -9.63 2.85 -50.36
CA LEU B 217 -9.56 1.47 -49.91
C LEU B 217 -10.82 0.69 -50.27
N LEU B 218 -11.99 1.25 -49.96
CA LEU B 218 -13.23 0.52 -50.19
C LEU B 218 -13.59 0.43 -51.67
N SER B 219 -13.15 1.40 -52.47
CA SER B 219 -13.45 1.36 -53.90
C SER B 219 -12.64 0.29 -54.62
N GLY B 220 -11.37 0.14 -54.26
CA GLY B 220 -10.48 -0.82 -54.89
C GLY B 220 -10.66 -2.25 -54.45
N LEU B 221 -11.73 -2.58 -53.73
CA LEU B 221 -11.91 -3.91 -53.16
C LEU B 221 -12.22 -4.98 -54.21
N GLY B 222 -12.47 -4.62 -55.45
CA GLY B 222 -12.90 -5.59 -56.44
C GLY B 222 -11.93 -6.73 -56.62
N PRO B 223 -10.68 -6.41 -56.98
CA PRO B 223 -9.54 -7.30 -57.21
C PRO B 223 -8.69 -7.42 -55.96
N ALA B 224 -9.09 -8.22 -54.98
CA ALA B 224 -10.23 -9.12 -55.09
C ALA B 224 -10.53 -9.57 -53.66
N GLY B 225 -11.41 -10.54 -53.46
CA GLY B 225 -12.30 -11.10 -54.47
C GLY B 225 -13.65 -10.62 -54.03
N PRO B 226 -14.70 -11.39 -54.34
CA PRO B 226 -15.98 -11.15 -53.66
C PRO B 226 -15.91 -11.67 -52.23
N PHE B 227 -16.59 -10.97 -51.35
CA PHE B 227 -16.58 -11.31 -49.93
C PHE B 227 -17.92 -11.88 -49.50
N ASP B 228 -17.87 -12.91 -48.64
CA ASP B 228 -19.08 -13.42 -48.01
C ASP B 228 -19.47 -12.59 -46.80
N MET B 229 -18.50 -12.04 -46.07
CA MET B 229 -18.75 -11.27 -44.86
C MET B 229 -17.58 -10.32 -44.62
N VAL B 230 -17.77 -9.38 -43.71
CA VAL B 230 -16.74 -8.42 -43.33
C VAL B 230 -16.68 -8.32 -41.82
N TYR B 231 -15.47 -8.49 -41.26
CA TYR B 231 -15.21 -8.30 -39.84
C TYR B 231 -14.51 -6.95 -39.65
N TRP B 232 -15.11 -6.07 -38.85
CA TRP B 232 -14.61 -4.71 -38.64
C TRP B 232 -14.39 -4.51 -37.15
N THR B 233 -13.12 -4.32 -36.75
CA THR B 233 -12.74 -4.44 -35.35
C THR B 233 -13.09 -3.20 -34.52
N GLY B 234 -12.74 -2.01 -35.01
CA GLY B 234 -13.02 -0.80 -34.25
C GLY B 234 -12.05 0.35 -34.49
N ASP B 235 -11.91 1.21 -33.48
CA ASP B 235 -11.02 2.37 -33.56
C ASP B 235 -11.36 3.31 -34.71
N ILE B 236 -12.66 3.54 -34.90
CA ILE B 236 -13.15 4.40 -35.97
C ILE B 236 -12.70 5.87 -35.89
N PRO B 237 -12.69 6.46 -34.69
CA PRO B 237 -12.28 7.86 -34.57
C PRO B 237 -10.76 8.00 -34.53
N ALA B 238 -10.30 9.20 -34.85
CA ALA B 238 -8.88 9.46 -34.99
C ALA B 238 -8.19 9.50 -33.62
N HIS B 239 -6.90 9.81 -33.65
CA HIS B 239 -6.04 9.79 -32.49
C HIS B 239 -5.97 11.11 -31.74
N ASP B 240 -6.82 12.09 -32.06
CA ASP B 240 -6.80 13.33 -31.28
C ASP B 240 -7.73 13.10 -30.10
N VAL B 241 -7.15 12.83 -28.93
CA VAL B 241 -7.92 12.43 -27.76
C VAL B 241 -8.12 13.57 -26.78
N TRP B 242 -7.51 14.73 -27.00
CA TRP B 242 -7.61 15.79 -26.01
C TRP B 242 -8.92 16.57 -26.13
N HIS B 243 -9.28 17.00 -27.34
CA HIS B 243 -10.50 17.79 -27.54
C HIS B 243 -11.69 16.99 -28.04
N GLN B 244 -11.58 15.66 -28.13
CA GLN B 244 -12.69 14.86 -28.64
C GLN B 244 -13.97 15.14 -27.88
N THR B 245 -15.10 15.06 -28.58
CA THR B 245 -16.41 15.22 -27.99
C THR B 245 -17.31 14.08 -28.44
N ARG B 246 -18.31 13.77 -27.61
CA ARG B 246 -19.26 12.70 -27.97
C ARG B 246 -19.83 12.93 -29.36
N GLN B 247 -20.16 14.18 -29.69
CA GLN B 247 -20.71 14.47 -31.00
C GLN B 247 -19.72 14.07 -32.10
N ASP B 248 -18.42 14.32 -31.88
CA ASP B 248 -17.43 13.96 -32.89
C ASP B 248 -17.31 12.45 -33.03
N GLN B 249 -17.17 11.74 -31.90
CA GLN B 249 -17.09 10.28 -31.96
C GLN B 249 -18.28 9.69 -32.70
N LEU B 250 -19.49 10.18 -32.40
CA LEU B 250 -20.65 9.70 -33.14
C LEU B 250 -20.57 10.09 -34.62
N ARG B 251 -20.02 11.26 -34.92
CA ARG B 251 -19.80 11.63 -36.30
C ARG B 251 -18.98 10.56 -37.02
N ALA B 252 -17.79 10.26 -36.47
CA ALA B 252 -16.95 9.22 -37.05
C ALA B 252 -17.72 7.92 -37.23
N LEU B 253 -18.37 7.47 -36.16
CA LEU B 253 -19.09 6.20 -36.21
C LEU B 253 -20.08 6.18 -37.37
N THR B 254 -20.94 7.20 -37.45
CA THR B 254 -22.03 7.18 -38.42
C THR B 254 -21.53 7.39 -39.85
N THR B 255 -20.58 8.31 -40.06
CA THR B 255 -20.14 8.55 -41.44
C THR B 255 -19.32 7.38 -41.97
N VAL B 256 -18.42 6.83 -41.14
CA VAL B 256 -17.62 5.70 -41.62
C VAL B 256 -18.47 4.45 -41.77
N THR B 257 -19.39 4.19 -40.83
CA THR B 257 -20.31 3.09 -41.02
C THR B 257 -21.11 3.25 -42.30
N ALA B 258 -21.59 4.47 -42.57
CA ALA B 258 -22.34 4.71 -43.79
C ALA B 258 -21.48 4.46 -45.02
N LEU B 259 -20.19 4.81 -44.95
CA LEU B 259 -19.30 4.57 -46.08
C LEU B 259 -19.16 3.08 -46.35
N VAL B 260 -18.77 2.31 -45.33
CA VAL B 260 -18.65 0.87 -45.48
C VAL B 260 -19.93 0.29 -46.07
N ARG B 261 -21.08 0.65 -45.50
CA ARG B 261 -22.34 0.13 -45.99
C ARG B 261 -22.57 0.52 -47.45
N LYS B 262 -22.14 1.74 -47.83
CA LYS B 262 -22.31 2.19 -49.20
C LYS B 262 -21.54 1.31 -50.17
N PHE B 263 -20.26 1.07 -49.89
CA PHE B 263 -19.44 0.37 -50.88
C PHE B 263 -19.63 -1.15 -50.83
N LEU B 264 -19.90 -1.73 -49.66
CA LEU B 264 -20.04 -3.17 -49.59
C LEU B 264 -21.47 -3.66 -49.74
N GLY B 265 -22.46 -2.76 -49.67
CA GLY B 265 -23.83 -3.11 -49.94
C GLY B 265 -24.37 -4.25 -49.11
N PRO B 266 -24.89 -5.27 -49.79
CA PRO B 266 -25.60 -6.35 -49.06
C PRO B 266 -24.71 -7.24 -48.22
N VAL B 267 -23.38 -7.24 -48.44
CA VAL B 267 -22.53 -8.15 -47.66
C VAL B 267 -22.59 -7.75 -46.19
N PRO B 268 -22.78 -8.69 -45.27
CA PRO B 268 -22.89 -8.33 -43.85
C PRO B 268 -21.55 -7.90 -43.27
N VAL B 269 -21.59 -6.90 -42.40
CA VAL B 269 -20.42 -6.43 -41.68
C VAL B 269 -20.68 -6.64 -40.19
N TYR B 270 -19.81 -7.41 -39.55
CA TYR B 270 -19.93 -7.64 -38.12
C TYR B 270 -18.87 -6.80 -37.42
N PRO B 271 -19.22 -5.72 -36.74
CA PRO B 271 -18.20 -4.87 -36.12
C PRO B 271 -17.88 -5.30 -34.71
N ALA B 272 -16.90 -4.63 -34.11
CA ALA B 272 -16.55 -4.80 -32.70
C ALA B 272 -16.19 -3.44 -32.16
N VAL B 273 -16.13 -3.32 -30.84
CA VAL B 273 -15.89 -2.04 -30.18
C VAL B 273 -14.40 -1.94 -29.88
N GLY B 274 -13.75 -0.94 -30.49
CA GLY B 274 -12.34 -0.69 -30.27
C GLY B 274 -12.10 0.20 -29.06
N ASN B 275 -10.82 0.54 -28.86
CA ASN B 275 -10.46 1.32 -27.69
C ASN B 275 -10.56 2.82 -27.94
N HIS B 276 -10.76 3.23 -29.17
CA HIS B 276 -10.99 4.60 -29.45
C HIS B 276 -12.40 4.69 -29.99
N GLU B 277 -13.37 4.87 -29.14
CA GLU B 277 -14.76 5.08 -29.54
C GLU B 277 -15.36 6.10 -28.61
N SER B 278 -15.43 5.71 -27.34
CA SER B 278 -15.91 6.56 -26.28
C SER B 278 -14.90 7.66 -25.99
N THR B 279 -15.36 8.72 -25.36
CA THR B 279 -14.47 9.74 -24.89
C THR B 279 -14.73 9.97 -23.41
N PRO B 280 -13.66 10.17 -22.62
CA PRO B 280 -12.27 10.15 -23.11
C PRO B 280 -11.85 8.78 -23.62
N VAL B 281 -10.75 8.73 -24.37
CA VAL B 281 -10.28 7.46 -24.92
C VAL B 281 -10.10 6.44 -23.80
N ASN B 282 -10.59 5.22 -24.04
CA ASN B 282 -10.45 4.08 -23.16
C ASN B 282 -11.52 4.03 -22.06
N SER B 283 -12.44 4.99 -22.00
CA SER B 283 -13.42 5.02 -20.93
C SER B 283 -14.64 4.21 -21.36
N PHE B 284 -14.81 3.05 -20.73
CA PHE B 284 -15.91 2.13 -21.03
C PHE B 284 -16.47 1.62 -19.71
N PRO B 285 -17.28 2.42 -19.04
CA PRO B 285 -17.89 1.98 -17.78
C PRO B 285 -18.73 0.73 -18.00
N PRO B 286 -18.59 -0.27 -17.13
CA PRO B 286 -19.42 -1.47 -17.25
C PRO B 286 -20.88 -1.13 -17.09
N PRO B 287 -21.78 -2.09 -17.25
CA PRO B 287 -23.21 -1.78 -17.12
C PRO B 287 -23.61 -1.35 -15.72
N PHE B 288 -22.80 -1.62 -14.69
CA PHE B 288 -23.21 -1.19 -13.35
C PHE B 288 -23.04 0.32 -13.16
N ILE B 289 -22.43 1.01 -14.11
CA ILE B 289 -22.43 2.48 -14.15
C ILE B 289 -23.58 2.92 -15.02
N GLU B 290 -24.37 3.88 -14.54
CA GLU B 290 -25.57 4.32 -15.23
C GLU B 290 -25.44 5.78 -15.66
N GLY B 291 -26.12 6.12 -16.76
CA GLY B 291 -25.97 7.41 -17.39
C GLY B 291 -26.30 8.51 -16.42
N ASN B 292 -25.97 9.76 -16.75
CA ASN B 292 -25.51 10.17 -18.08
C ASN B 292 -24.10 9.69 -18.44
N HIS B 293 -23.20 9.67 -17.46
CA HIS B 293 -21.78 9.43 -17.73
C HIS B 293 -21.48 8.00 -18.15
N SER B 294 -22.47 7.12 -18.23
CA SER B 294 -22.24 5.75 -18.70
C SER B 294 -21.94 5.76 -20.20
N SER B 295 -21.73 4.56 -20.74
CA SER B 295 -21.47 4.36 -22.17
C SER B 295 -22.74 4.04 -22.96
N ARG B 296 -23.91 4.08 -22.32
CA ARG B 296 -25.14 3.73 -23.02
C ARG B 296 -25.35 4.59 -24.26
N TRP B 297 -24.89 5.84 -24.24
CA TRP B 297 -25.01 6.70 -25.42
C TRP B 297 -24.31 6.06 -26.63
N LEU B 298 -23.10 5.56 -26.43
CA LEU B 298 -22.34 4.97 -27.52
C LEU B 298 -22.96 3.65 -27.96
N TYR B 299 -23.34 2.80 -27.01
CA TYR B 299 -23.89 1.50 -27.37
C TYR B 299 -25.22 1.63 -28.08
N GLU B 300 -26.05 2.62 -27.71
CA GLU B 300 -27.31 2.83 -28.39
C GLU B 300 -27.15 3.63 -29.68
N ALA B 301 -26.09 4.42 -29.81
CA ALA B 301 -25.77 5.00 -31.11
C ALA B 301 -25.38 3.90 -32.10
N MET B 302 -24.54 2.97 -31.66
CA MET B 302 -24.44 1.69 -32.36
C MET B 302 -25.77 0.96 -32.24
N ALA B 303 -26.00 0.04 -33.17
CA ALA B 303 -27.25 -0.70 -33.26
C ALA B 303 -28.33 0.21 -33.83
N LYS B 304 -28.10 1.52 -33.76
CA LYS B 304 -28.79 2.46 -34.64
C LYS B 304 -28.10 2.53 -35.98
N ALA B 305 -26.77 2.58 -35.98
CA ALA B 305 -25.98 2.56 -37.21
C ALA B 305 -25.81 1.14 -37.75
N TRP B 306 -25.69 0.14 -36.87
CA TRP B 306 -25.44 -1.23 -37.27
C TRP B 306 -26.72 -2.06 -37.38
N GLU B 307 -27.89 -1.44 -37.22
CA GLU B 307 -29.15 -2.17 -37.32
C GLU B 307 -29.26 -3.00 -38.60
N PRO B 308 -28.83 -2.54 -39.78
CA PRO B 308 -28.98 -3.38 -40.98
C PRO B 308 -28.21 -4.68 -40.90
N TRP B 309 -27.02 -4.67 -40.30
CA TRP B 309 -26.16 -5.84 -40.29
C TRP B 309 -26.59 -6.86 -39.25
N LEU B 310 -26.79 -6.40 -37.96
CA LEU B 310 -27.00 -7.31 -36.84
C LEU B 310 -28.48 -7.59 -36.60
N PRO B 311 -28.80 -8.82 -36.17
CA PRO B 311 -30.20 -9.16 -35.85
C PRO B 311 -30.65 -8.60 -34.51
N ALA B 312 -31.84 -9.01 -34.06
CA ALA B 312 -32.43 -8.43 -32.87
C ALA B 312 -31.56 -8.66 -31.63
N GLU B 313 -31.28 -9.93 -31.32
CA GLU B 313 -30.51 -10.25 -30.12
C GLU B 313 -29.21 -9.47 -30.08
N ALA B 314 -28.46 -9.49 -31.19
CA ALA B 314 -27.21 -8.76 -31.27
C ALA B 314 -27.40 -7.31 -30.80
N LEU B 315 -28.42 -6.64 -31.33
CA LEU B 315 -28.67 -5.27 -30.91
C LEU B 315 -29.01 -5.19 -29.43
N ARG B 316 -29.81 -6.14 -28.94
CA ARG B 316 -30.22 -6.11 -27.53
C ARG B 316 -29.00 -6.15 -26.62
N THR B 317 -28.14 -7.16 -26.78
CA THR B 317 -26.98 -7.27 -25.91
C THR B 317 -25.96 -6.18 -26.18
N LEU B 318 -25.90 -5.71 -27.44
CA LEU B 318 -24.96 -4.64 -27.78
C LEU B 318 -25.33 -3.33 -27.08
N ARG B 319 -26.62 -3.07 -26.88
CA ARG B 319 -27.02 -1.88 -26.16
C ARG B 319 -26.58 -1.94 -24.70
N ILE B 320 -26.44 -3.13 -24.14
CA ILE B 320 -26.05 -3.31 -22.75
C ILE B 320 -24.53 -3.27 -22.62
N GLY B 321 -23.86 -4.28 -23.15
CA GLY B 321 -22.43 -4.43 -22.93
C GLY B 321 -21.52 -4.07 -24.09
N GLY B 322 -22.09 -3.90 -25.28
CA GLY B 322 -21.25 -3.66 -26.45
C GLY B 322 -20.63 -4.92 -27.01
N PHE B 323 -21.31 -6.06 -26.90
CA PHE B 323 -20.87 -7.31 -27.48
C PHE B 323 -22.10 -8.15 -27.81
N TYR B 324 -21.95 -9.07 -28.74
CA TYR B 324 -23.10 -9.81 -29.24
C TYR B 324 -22.65 -11.15 -29.79
N ALA B 325 -23.64 -11.93 -30.24
CA ALA B 325 -23.42 -13.21 -30.88
C ALA B 325 -24.47 -13.39 -31.96
N LEU B 326 -24.08 -14.05 -33.05
CA LEU B 326 -24.97 -14.29 -34.17
C LEU B 326 -24.43 -15.48 -34.95
N SER B 327 -25.14 -15.85 -36.01
CA SER B 327 -24.83 -17.03 -36.81
C SER B 327 -24.72 -16.66 -38.28
N PRO B 328 -23.51 -16.32 -38.75
CA PRO B 328 -23.36 -16.00 -40.18
C PRO B 328 -23.75 -17.16 -41.08
N TYR B 329 -23.32 -18.38 -40.76
CA TYR B 329 -23.62 -19.61 -41.48
C TYR B 329 -24.35 -20.58 -40.56
N PRO B 330 -25.15 -21.49 -41.12
CA PRO B 330 -25.58 -22.64 -40.33
C PRO B 330 -24.38 -23.49 -39.94
N GLY B 331 -24.26 -23.78 -38.65
CA GLY B 331 -23.11 -24.47 -38.13
C GLY B 331 -21.96 -23.59 -37.71
N LEU B 332 -22.12 -22.27 -37.75
CA LEU B 332 -21.08 -21.34 -37.35
C LEU B 332 -21.67 -20.26 -36.45
N ARG B 333 -20.86 -19.80 -35.50
CA ARG B 333 -21.27 -18.76 -34.55
C ARG B 333 -20.16 -17.73 -34.46
N LEU B 334 -20.50 -16.48 -34.73
CA LEU B 334 -19.56 -15.37 -34.57
C LEU B 334 -19.85 -14.66 -33.25
N ILE B 335 -18.82 -14.49 -32.44
CA ILE B 335 -18.91 -13.75 -31.19
C ILE B 335 -18.06 -12.50 -31.32
N SER B 336 -18.65 -11.35 -31.00
CA SER B 336 -17.97 -10.06 -31.02
C SER B 336 -17.84 -9.58 -29.59
N LEU B 337 -16.61 -9.60 -29.07
CA LEU B 337 -16.34 -9.23 -27.69
C LEU B 337 -15.91 -7.78 -27.59
N ASN B 338 -16.32 -7.13 -26.50
CA ASN B 338 -15.85 -5.78 -26.18
C ASN B 338 -14.63 -5.93 -25.28
N MET B 339 -13.44 -5.66 -25.83
CA MET B 339 -12.19 -5.90 -25.11
C MET B 339 -11.83 -4.77 -24.17
N ASN B 340 -12.67 -3.75 -24.06
CA ASN B 340 -12.34 -2.65 -23.17
C ASN B 340 -12.51 -3.05 -21.71
N PHE B 341 -13.46 -3.94 -21.42
CA PHE B 341 -13.52 -4.57 -20.12
C PHE B 341 -12.30 -5.43 -19.85
N CYS B 342 -11.54 -5.75 -20.89
CA CYS B 342 -10.26 -6.41 -20.81
C CYS B 342 -9.12 -5.44 -20.50
N SER B 343 -9.31 -4.16 -20.83
CA SER B 343 -8.18 -3.27 -21.09
C SER B 343 -7.45 -2.87 -19.82
N ARG B 344 -6.14 -2.71 -19.96
CA ARG B 344 -5.34 -2.13 -18.88
C ARG B 344 -5.54 -0.62 -18.77
N GLU B 345 -5.80 0.05 -19.89
CA GLU B 345 -5.89 1.50 -19.92
C GLU B 345 -7.27 2.02 -19.57
N ASN B 346 -8.22 1.14 -19.26
CA ASN B 346 -9.57 1.54 -18.88
C ASN B 346 -9.61 1.70 -17.36
N PHE B 347 -9.73 2.93 -16.90
CA PHE B 347 -9.64 3.19 -15.46
C PHE B 347 -10.90 2.82 -14.72
N TRP B 348 -12.03 2.67 -15.42
CA TRP B 348 -13.25 2.25 -14.76
C TRP B 348 -13.12 0.88 -14.10
N LEU B 349 -12.11 0.10 -14.48
CA LEU B 349 -11.93 -1.21 -13.88
C LEU B 349 -11.36 -1.12 -12.47
N LEU B 350 -10.76 0.02 -12.11
CA LEU B 350 -10.33 0.22 -10.73
C LEU B 350 -11.46 -0.05 -9.74
N ILE B 351 -12.67 0.40 -10.05
CA ILE B 351 -13.84 0.15 -9.21
C ILE B 351 -14.02 -1.35 -9.03
N ASN B 352 -14.39 -2.03 -10.12
CA ASN B 352 -14.54 -3.49 -10.13
C ASN B 352 -13.92 -4.02 -11.42
N SER B 353 -12.87 -4.83 -11.29
CA SER B 353 -12.22 -5.43 -12.44
C SER B 353 -12.69 -6.85 -12.73
N THR B 354 -13.67 -7.36 -11.98
CA THR B 354 -14.04 -8.77 -12.04
C THR B 354 -15.06 -9.00 -13.16
N ASP B 355 -14.64 -9.75 -14.19
CA ASP B 355 -15.45 -10.13 -15.35
C ASP B 355 -16.45 -9.04 -15.71
N PRO B 356 -15.99 -7.87 -16.13
CA PRO B 356 -16.92 -6.77 -16.41
C PRO B 356 -18.07 -7.21 -17.30
N ALA B 357 -19.26 -6.69 -17.00
CA ALA B 357 -20.48 -7.02 -17.72
C ALA B 357 -20.73 -8.52 -17.73
N GLY B 358 -20.09 -9.25 -16.81
CA GLY B 358 -20.18 -10.69 -16.79
C GLY B 358 -20.02 -11.27 -18.19
N GLN B 359 -19.15 -10.67 -19.01
CA GLN B 359 -19.16 -11.05 -20.42
C GLN B 359 -18.45 -12.38 -20.64
N LEU B 360 -17.30 -12.59 -19.97
CA LEU B 360 -16.60 -13.87 -20.10
C LEU B 360 -17.53 -15.04 -19.77
N GLN B 361 -18.20 -14.97 -18.62
CA GLN B 361 -19.20 -15.98 -18.31
C GLN B 361 -20.16 -16.16 -19.48
N TRP B 362 -20.71 -15.04 -19.97
CA TRP B 362 -21.58 -15.09 -21.14
C TRP B 362 -20.91 -15.86 -22.27
N LEU B 363 -19.66 -15.48 -22.58
CA LEU B 363 -18.90 -16.18 -23.61
C LEU B 363 -18.93 -17.69 -23.40
N VAL B 364 -18.64 -18.13 -22.18
CA VAL B 364 -18.68 -19.56 -21.88
C VAL B 364 -20.06 -20.11 -22.22
N GLY B 365 -21.10 -19.47 -21.70
CA GLY B 365 -22.45 -19.92 -22.01
C GLY B 365 -22.68 -20.09 -23.49
N GLU B 366 -22.11 -19.18 -24.30
CA GLU B 366 -22.23 -19.31 -25.74
C GLU B 366 -21.40 -20.47 -26.26
N LEU B 367 -20.13 -20.51 -25.88
CA LEU B 367 -19.24 -21.56 -26.38
C LEU B 367 -19.80 -22.94 -26.05
N GLN B 368 -20.22 -23.14 -24.81
CA GLN B 368 -20.87 -24.39 -24.43
C GLN B 368 -22.09 -24.63 -25.30
N ALA B 369 -22.92 -23.61 -25.50
CA ALA B 369 -24.08 -23.74 -26.37
C ALA B 369 -23.70 -24.28 -27.74
N ALA B 370 -22.50 -23.93 -28.23
CA ALA B 370 -22.05 -24.43 -29.51
C ALA B 370 -21.56 -25.87 -29.42
N GLU B 371 -20.86 -26.22 -28.33
CA GLU B 371 -20.37 -27.58 -28.16
C GLU B 371 -21.51 -28.59 -28.23
N ASP B 372 -22.54 -28.39 -27.41
CA ASP B 372 -23.75 -29.21 -27.53
C ASP B 372 -24.34 -29.14 -28.94
N ARG B 373 -24.29 -27.97 -29.56
CA ARG B 373 -24.93 -27.75 -30.86
C ARG B 373 -24.07 -28.23 -32.03
N GLY B 374 -22.79 -28.54 -31.78
CA GLY B 374 -21.90 -29.07 -32.78
C GLY B 374 -21.51 -28.12 -33.89
N ASP B 375 -21.64 -26.80 -33.66
CA ASP B 375 -21.15 -25.80 -34.59
C ASP B 375 -19.82 -25.24 -34.07
N LYS B 376 -19.25 -24.31 -34.83
CA LYS B 376 -17.94 -23.77 -34.53
C LYS B 376 -18.03 -22.25 -34.41
N VAL B 377 -17.07 -21.66 -33.69
CA VAL B 377 -17.17 -20.29 -33.24
C VAL B 377 -16.02 -19.47 -33.82
N HIS B 378 -16.35 -18.27 -34.30
CA HIS B 378 -15.38 -17.25 -34.63
C HIS B 378 -15.47 -16.15 -33.58
N ILE B 379 -14.34 -15.79 -33.00
CA ILE B 379 -14.26 -14.71 -32.02
C ILE B 379 -13.54 -13.55 -32.65
N ILE B 380 -14.07 -12.35 -32.45
CA ILE B 380 -13.45 -11.12 -32.94
C ILE B 380 -13.49 -10.08 -31.83
N GLY B 381 -12.49 -9.21 -31.82
CA GLY B 381 -12.39 -8.16 -30.81
C GLY B 381 -11.26 -7.21 -31.18
N HIS B 382 -11.22 -6.09 -30.46
CA HIS B 382 -10.21 -5.08 -30.78
C HIS B 382 -8.85 -5.44 -30.17
N ILE B 383 -8.76 -5.37 -28.85
CA ILE B 383 -7.50 -5.62 -28.17
C ILE B 383 -7.26 -7.13 -28.10
N PRO B 384 -6.07 -7.61 -28.48
CA PRO B 384 -5.83 -9.05 -28.44
C PRO B 384 -5.66 -9.52 -27.01
N PRO B 385 -6.09 -10.74 -26.69
CA PRO B 385 -5.82 -11.27 -25.35
C PRO B 385 -4.33 -11.49 -25.19
N GLY B 386 -3.80 -11.09 -24.04
CA GLY B 386 -2.37 -11.00 -23.84
C GLY B 386 -1.86 -9.59 -23.83
N HIS B 387 -2.65 -8.64 -24.31
CA HIS B 387 -2.48 -7.24 -23.95
C HIS B 387 -3.37 -6.86 -22.78
N CYS B 388 -4.12 -7.82 -22.23
CA CYS B 388 -5.12 -7.56 -21.20
C CYS B 388 -4.50 -7.66 -19.81
N LEU B 389 -5.31 -7.39 -18.79
CA LEU B 389 -4.76 -7.11 -17.47
C LEU B 389 -3.96 -8.25 -16.85
N LYS B 390 -4.65 -9.13 -16.13
CA LYS B 390 -4.04 -10.34 -15.56
C LYS B 390 -5.05 -11.47 -15.56
N SER B 391 -6.09 -11.31 -14.74
CA SER B 391 -7.08 -12.36 -14.54
C SER B 391 -7.93 -12.57 -15.79
N TRP B 392 -8.36 -11.48 -16.42
CA TRP B 392 -9.11 -11.59 -17.66
C TRP B 392 -8.35 -12.44 -18.67
N SER B 393 -7.07 -12.11 -18.88
CA SER B 393 -6.26 -12.84 -19.85
C SER B 393 -6.20 -14.32 -19.51
N TRP B 394 -5.90 -14.64 -18.25
CA TRP B 394 -5.74 -16.04 -17.85
C TRP B 394 -7.04 -16.81 -17.99
N ASN B 395 -8.17 -16.19 -17.67
CA ASN B 395 -9.45 -16.86 -17.88
C ASN B 395 -9.74 -17.06 -19.36
N TYR B 396 -9.36 -16.10 -20.20
CA TYR B 396 -9.50 -16.28 -21.64
C TYR B 396 -8.68 -17.49 -22.12
N TYR B 397 -7.39 -17.52 -21.79
CA TYR B 397 -6.56 -18.67 -22.12
C TYR B 397 -7.22 -19.97 -21.68
N ARG B 398 -7.67 -20.02 -20.42
CA ARG B 398 -8.33 -21.21 -19.90
C ARG B 398 -9.54 -21.59 -20.75
N ILE B 399 -10.30 -20.59 -21.20
CA ILE B 399 -11.51 -20.86 -21.96
C ILE B 399 -11.18 -21.41 -23.35
N VAL B 400 -10.35 -20.69 -24.11
CA VAL B 400 -10.00 -21.16 -25.45
C VAL B 400 -9.40 -22.55 -25.37
N ALA B 401 -8.54 -22.78 -24.38
CA ALA B 401 -7.97 -24.11 -24.19
C ALA B 401 -9.06 -25.15 -23.96
N ARG B 402 -10.04 -24.84 -23.12
CA ARG B 402 -11.11 -25.79 -22.84
C ARG B 402 -11.94 -26.08 -24.09
N TYR B 403 -12.21 -25.05 -24.89
CA TYR B 403 -13.14 -25.13 -26.00
C TYR B 403 -12.46 -25.33 -27.37
N GLU B 404 -11.18 -25.71 -27.37
CA GLU B 404 -10.38 -25.78 -28.59
C GLU B 404 -11.14 -26.34 -29.80
N ASN B 405 -11.58 -27.60 -29.73
CA ASN B 405 -12.25 -28.20 -30.88
C ASN B 405 -13.41 -27.35 -31.37
N THR B 406 -14.09 -26.63 -30.47
CA THR B 406 -15.25 -25.84 -30.85
C THR B 406 -14.85 -24.51 -31.48
N LEU B 407 -13.82 -23.87 -30.96
CA LEU B 407 -13.40 -22.56 -31.45
C LEU B 407 -12.61 -22.73 -32.74
N ALA B 408 -13.15 -22.21 -33.84
CA ALA B 408 -12.53 -22.39 -35.14
C ALA B 408 -11.44 -21.36 -35.43
N ALA B 409 -11.67 -20.09 -35.09
CA ALA B 409 -10.70 -19.06 -35.40
C ALA B 409 -10.93 -17.86 -34.49
N GLN B 410 -9.92 -16.99 -34.43
CA GLN B 410 -9.98 -15.78 -33.62
C GLN B 410 -9.28 -14.64 -34.34
N PHE B 411 -9.89 -13.46 -34.29
CA PHE B 411 -9.38 -12.29 -34.99
C PHE B 411 -9.38 -11.09 -34.05
N PHE B 412 -8.28 -10.33 -34.08
CA PHE B 412 -8.12 -9.17 -33.21
C PHE B 412 -7.30 -8.11 -33.91
N GLY B 413 -7.62 -6.86 -33.61
CA GLY B 413 -6.88 -5.71 -34.11
C GLY B 413 -6.01 -5.00 -33.09
N HIS B 414 -5.98 -3.70 -33.19
CA HIS B 414 -5.33 -2.88 -32.19
C HIS B 414 -3.87 -2.68 -32.26
N THR B 415 -3.16 -3.72 -32.62
CA THR B 415 -1.71 -3.60 -32.65
C THR B 415 -1.27 -2.63 -33.73
N HIS B 416 -2.03 -2.56 -34.82
CA HIS B 416 -1.68 -1.71 -35.93
C HIS B 416 -0.57 -2.36 -36.76
N VAL B 417 -0.11 -3.54 -36.30
CA VAL B 417 0.95 -4.27 -36.99
C VAL B 417 0.48 -5.70 -37.22
N ASP B 418 1.17 -6.38 -38.15
CA ASP B 418 0.76 -7.69 -38.63
C ASP B 418 1.49 -8.76 -37.84
N GLU B 419 0.76 -9.51 -37.01
CA GLU B 419 1.34 -10.52 -36.14
C GLU B 419 0.25 -11.50 -35.73
N PHE B 420 0.58 -12.39 -34.80
CA PHE B 420 -0.36 -13.40 -34.32
C PHE B 420 -0.01 -13.76 -32.89
N GLU B 421 -0.81 -14.65 -32.30
CA GLU B 421 -0.58 -15.15 -30.96
C GLU B 421 -1.01 -16.61 -30.90
N VAL B 422 -0.17 -17.45 -30.28
CA VAL B 422 -0.38 -18.89 -30.24
C VAL B 422 -0.84 -19.30 -28.85
N PHE B 423 -1.87 -20.13 -28.78
CA PHE B 423 -2.39 -20.67 -27.53
C PHE B 423 -1.94 -22.12 -27.37
N TYR B 424 -1.58 -22.49 -26.15
CA TYR B 424 -1.12 -23.84 -25.85
C TYR B 424 -2.07 -24.51 -24.85
N ASP B 425 -1.79 -25.78 -24.59
CA ASP B 425 -2.57 -26.53 -23.60
C ASP B 425 -2.24 -26.03 -22.19
N GLU B 426 -3.26 -25.99 -21.34
CA GLU B 426 -3.10 -25.37 -20.03
C GLU B 426 -2.23 -26.20 -19.09
N GLU B 427 -2.04 -27.49 -19.37
CA GLU B 427 -1.31 -28.36 -18.46
C GLU B 427 0.21 -28.27 -18.69
N THR B 428 0.68 -28.82 -19.81
CA THR B 428 2.10 -28.85 -20.11
C THR B 428 2.58 -27.64 -20.92
N LEU B 429 1.66 -26.87 -21.50
CA LEU B 429 2.01 -25.73 -22.34
C LEU B 429 2.93 -26.13 -23.49
N SER B 430 2.92 -27.40 -23.91
CA SER B 430 3.74 -27.85 -25.02
C SER B 430 3.01 -27.94 -26.35
N ARG B 431 1.67 -27.86 -26.36
CA ARG B 431 0.90 -28.17 -27.56
C ARG B 431 0.12 -26.96 -28.04
N PRO B 432 0.41 -26.41 -29.23
CA PRO B 432 -0.44 -25.31 -29.74
C PRO B 432 -1.85 -25.82 -29.99
N LEU B 433 -2.83 -25.22 -29.33
CA LEU B 433 -4.22 -25.56 -29.55
C LEU B 433 -4.99 -24.54 -30.36
N ALA B 434 -4.38 -23.41 -30.71
CA ALA B 434 -5.10 -22.38 -31.45
C ALA B 434 -4.17 -21.19 -31.66
N VAL B 435 -4.55 -20.35 -32.63
CA VAL B 435 -3.81 -19.13 -32.94
C VAL B 435 -4.80 -18.02 -33.22
N ALA B 436 -4.50 -16.83 -32.72
CA ALA B 436 -5.27 -15.63 -33.01
C ALA B 436 -4.48 -14.75 -33.95
N PHE B 437 -5.16 -14.22 -34.97
CA PHE B 437 -4.53 -13.38 -35.97
C PHE B 437 -4.72 -11.92 -35.61
N LEU B 438 -3.62 -11.20 -35.49
CA LEU B 438 -3.63 -9.76 -35.23
C LEU B 438 -3.35 -9.06 -36.56
N ALA B 439 -4.39 -8.41 -37.12
CA ALA B 439 -4.36 -7.83 -38.45
C ALA B 439 -3.75 -6.43 -38.43
N PRO B 440 -3.03 -6.05 -39.47
CA PRO B 440 -2.46 -4.71 -39.53
C PRO B 440 -3.55 -3.65 -39.73
N SER B 441 -3.18 -2.42 -39.41
CA SER B 441 -4.13 -1.32 -39.37
C SER B 441 -4.40 -0.77 -40.77
N ALA B 442 -5.68 -0.46 -41.03
CA ALA B 442 -5.98 0.38 -42.19
C ALA B 442 -5.30 1.73 -42.07
N THR B 443 -5.19 2.26 -40.85
CA THR B 443 -4.58 3.55 -40.63
C THR B 443 -3.06 3.49 -40.80
N THR B 444 -2.48 4.66 -40.99
CA THR B 444 -1.04 4.81 -41.15
C THR B 444 -0.33 5.10 -39.84
N TYR B 445 -1.06 5.11 -38.72
CA TYR B 445 -0.56 5.73 -37.49
C TYR B 445 0.81 5.17 -37.08
N ILE B 446 1.76 6.08 -36.91
CA ILE B 446 3.15 5.78 -36.64
C ILE B 446 3.80 5.05 -37.81
N GLY B 447 3.91 5.73 -38.94
CA GLY B 447 4.81 5.38 -40.02
C GLY B 447 4.56 4.10 -40.78
N LEU B 448 3.30 3.76 -41.03
CA LEU B 448 2.98 2.52 -41.72
C LEU B 448 2.23 2.80 -43.01
N ASN B 449 2.42 1.93 -43.98
CA ASN B 449 1.53 1.93 -45.12
C ASN B 449 0.14 1.50 -44.67
N PRO B 450 -0.91 2.10 -45.21
CA PRO B 450 -2.26 1.60 -44.92
C PRO B 450 -2.40 0.16 -45.39
N GLY B 451 -3.30 -0.58 -44.74
CA GLY B 451 -3.51 -1.95 -45.16
C GLY B 451 -4.80 -2.53 -44.66
N TYR B 452 -5.24 -3.59 -45.33
CA TYR B 452 -6.36 -4.42 -44.88
C TYR B 452 -6.04 -5.87 -45.18
N ARG B 453 -6.85 -6.77 -44.64
CA ARG B 453 -6.63 -8.20 -44.76
C ARG B 453 -7.89 -8.88 -45.27
N VAL B 454 -7.69 -10.03 -45.90
CA VAL B 454 -8.76 -10.91 -46.35
C VAL B 454 -8.38 -12.34 -46.01
N TYR B 455 -9.30 -13.07 -45.39
CA TYR B 455 -9.06 -14.45 -44.97
C TYR B 455 -9.80 -15.42 -45.86
N GLN B 456 -9.13 -16.51 -46.23
CA GLN B 456 -9.80 -17.67 -46.81
C GLN B 456 -10.09 -18.66 -45.68
N ILE B 457 -11.37 -18.98 -45.50
CA ILE B 457 -11.83 -19.81 -44.39
C ILE B 457 -12.61 -20.99 -44.95
N ASP B 458 -12.55 -22.12 -44.23
CA ASP B 458 -13.33 -23.29 -44.63
C ASP B 458 -14.80 -22.91 -44.70
N GLY B 459 -15.43 -23.22 -45.82
CA GLY B 459 -16.68 -22.60 -46.23
C GLY B 459 -17.91 -23.11 -45.51
N ASN B 460 -19.06 -22.84 -46.13
CA ASN B 460 -20.38 -23.05 -45.54
C ASN B 460 -20.92 -24.41 -46.01
N TYR B 461 -20.99 -25.36 -45.08
CA TYR B 461 -21.49 -26.70 -45.35
C TYR B 461 -21.34 -27.53 -44.08
N SER B 462 -22.01 -28.69 -44.06
CA SER B 462 -21.96 -29.55 -42.90
C SER B 462 -20.58 -30.19 -42.76
N GLY B 463 -20.09 -30.24 -41.51
CA GLY B 463 -18.78 -30.79 -41.25
C GLY B 463 -17.63 -29.80 -41.45
N SER B 464 -17.92 -28.60 -41.95
CA SER B 464 -16.86 -27.61 -42.15
C SER B 464 -16.15 -27.31 -40.83
N SER B 465 -14.83 -27.15 -40.91
CA SER B 465 -14.04 -26.76 -39.76
C SER B 465 -14.16 -25.28 -39.46
N HIS B 466 -14.44 -24.46 -40.48
CA HIS B 466 -14.56 -23.01 -40.32
C HIS B 466 -13.27 -22.39 -39.80
N VAL B 467 -12.14 -22.98 -40.17
CA VAL B 467 -10.83 -22.53 -39.71
C VAL B 467 -10.13 -21.81 -40.86
N VAL B 468 -9.29 -20.84 -40.50
CA VAL B 468 -8.58 -20.07 -41.52
C VAL B 468 -7.70 -21.02 -42.34
N LEU B 469 -7.93 -21.04 -43.65
CA LEU B 469 -7.08 -21.77 -44.58
C LEU B 469 -5.85 -20.96 -44.99
N ASP B 470 -6.03 -19.67 -45.19
CA ASP B 470 -4.96 -18.79 -45.63
C ASP B 470 -5.43 -17.35 -45.40
N HIS B 471 -4.54 -16.39 -45.68
CA HIS B 471 -4.93 -14.99 -45.61
C HIS B 471 -4.03 -14.17 -46.52
N GLU B 472 -4.56 -13.02 -46.94
CA GLU B 472 -3.85 -12.10 -47.81
C GLU B 472 -3.85 -10.72 -47.17
N THR B 473 -2.85 -9.91 -47.53
CA THR B 473 -2.68 -8.57 -46.97
C THR B 473 -2.42 -7.58 -48.09
N TYR B 474 -3.32 -6.62 -48.25
CA TYR B 474 -3.17 -5.55 -49.24
C TYR B 474 -2.74 -4.27 -48.55
N ILE B 475 -1.91 -3.48 -49.23
CA ILE B 475 -1.41 -2.21 -48.70
C ILE B 475 -1.38 -1.18 -49.81
N LEU B 476 -1.37 0.08 -49.41
CA LEU B 476 -1.23 1.21 -50.33
C LEU B 476 0.15 1.82 -50.08
N ASN B 477 1.05 1.68 -51.05
CA ASN B 477 2.41 2.20 -50.89
C ASN B 477 2.34 3.70 -51.09
N LEU B 478 2.61 4.45 -50.02
CA LEU B 478 2.38 5.89 -50.10
C LEU B 478 3.48 6.59 -50.89
N THR B 479 4.69 6.05 -50.85
CA THR B 479 5.78 6.64 -51.64
C THR B 479 5.38 6.77 -53.10
N GLN B 480 4.66 5.79 -53.64
CA GLN B 480 4.19 5.90 -55.02
C GLN B 480 2.90 6.70 -55.12
N ALA B 481 1.95 6.48 -54.21
CA ALA B 481 0.62 7.05 -54.37
C ALA B 481 0.60 8.56 -54.15
N ASN B 482 1.49 9.09 -53.31
CA ASN B 482 1.49 10.51 -53.02
C ASN B 482 2.23 11.34 -54.05
N ILE B 483 2.82 10.72 -55.06
CA ILE B 483 3.50 11.49 -56.12
C ILE B 483 2.49 12.28 -56.92
N PRO B 484 2.76 13.54 -57.25
CA PRO B 484 1.79 14.31 -58.04
C PRO B 484 1.46 13.60 -59.35
N GLY B 485 0.15 13.44 -59.59
CA GLY B 485 -0.34 12.74 -60.75
C GLY B 485 -0.50 11.24 -60.58
N ALA B 486 0.05 10.66 -59.52
CA ALA B 486 -0.06 9.24 -59.29
C ALA B 486 -1.49 8.85 -58.91
N ILE B 487 -1.81 7.58 -59.09
CA ILE B 487 -3.12 7.01 -58.79
C ILE B 487 -2.95 6.02 -57.63
N PRO B 488 -3.62 6.20 -56.51
CA PRO B 488 -3.48 5.25 -55.40
C PRO B 488 -3.86 3.84 -55.83
N HIS B 489 -2.98 2.88 -55.51
CA HIS B 489 -3.19 1.49 -55.89
C HIS B 489 -2.94 0.61 -54.67
N TRP B 490 -3.87 -0.31 -54.40
CA TRP B 490 -3.76 -1.19 -53.25
C TRP B 490 -3.21 -2.53 -53.71
N GLN B 491 -1.93 -2.77 -53.41
CA GLN B 491 -1.22 -3.93 -53.94
C GLN B 491 -1.38 -5.13 -53.01
N LEU B 492 -0.85 -6.28 -53.44
CA LEU B 492 -1.08 -7.52 -52.71
C LEU B 492 -0.06 -7.82 -51.63
N LEU B 493 1.10 -7.16 -51.62
CA LEU B 493 2.11 -7.49 -50.62
C LEU B 493 2.37 -8.99 -50.65
N TYR B 494 2.00 -9.70 -49.60
CA TYR B 494 2.29 -11.13 -49.48
C TYR B 494 1.02 -11.96 -49.30
N ARG B 495 1.18 -13.27 -49.52
CA ARG B 495 0.25 -14.28 -49.05
C ARG B 495 0.96 -15.17 -48.04
N ALA B 496 0.23 -15.55 -46.98
CA ALA B 496 0.82 -16.25 -45.84
C ALA B 496 1.50 -17.55 -46.25
N ARG B 497 0.71 -18.55 -46.63
CA ARG B 497 1.26 -19.87 -46.93
C ARG B 497 2.41 -19.79 -47.92
N GLU B 498 2.22 -19.06 -49.02
CA GLU B 498 3.28 -18.95 -50.02
C GLU B 498 4.53 -18.31 -49.44
N THR B 499 4.36 -17.28 -48.60
CA THR B 499 5.51 -16.51 -48.13
C THR B 499 6.32 -17.28 -47.09
N TYR B 500 5.64 -17.97 -46.18
CA TYR B 500 6.31 -18.69 -45.10
C TYR B 500 6.46 -20.20 -45.37
N GLY B 501 5.96 -20.68 -46.50
CA GLY B 501 6.02 -22.11 -46.78
C GLY B 501 5.34 -22.95 -45.71
N LEU B 502 4.09 -22.60 -45.38
CA LEU B 502 3.31 -23.35 -44.40
C LEU B 502 2.42 -24.36 -45.08
N PRO B 503 2.37 -25.61 -44.61
CA PRO B 503 1.43 -26.58 -45.18
C PRO B 503 -0.01 -26.18 -44.98
N ASN B 504 -0.28 -25.35 -43.98
CA ASN B 504 -1.62 -24.81 -43.71
C ASN B 504 -1.44 -23.71 -42.67
N THR B 505 -2.54 -23.06 -42.31
CA THR B 505 -2.53 -21.97 -41.34
C THR B 505 -2.92 -22.42 -39.93
N LEU B 506 -3.03 -23.73 -39.69
CA LEU B 506 -3.39 -24.21 -38.36
C LEU B 506 -2.30 -23.87 -37.34
N PRO B 507 -2.63 -23.94 -36.05
CA PRO B 507 -1.72 -23.39 -35.03
C PRO B 507 -0.32 -24.00 -35.03
N THR B 508 -0.24 -25.33 -35.11
CA THR B 508 1.07 -25.97 -35.12
C THR B 508 1.99 -25.33 -36.16
N ALA B 509 1.43 -24.98 -37.32
CA ALA B 509 2.23 -24.35 -38.36
C ALA B 509 2.83 -23.04 -37.89
N TRP B 510 2.06 -22.24 -37.14
CA TRP B 510 2.58 -20.95 -36.66
C TRP B 510 3.60 -21.15 -35.55
N HIS B 511 3.39 -22.13 -34.68
CA HIS B 511 4.41 -22.48 -33.68
C HIS B 511 5.73 -22.81 -34.38
N ASN B 512 5.69 -23.80 -35.28
CA ASN B 512 6.87 -24.18 -36.03
C ASN B 512 7.47 -22.99 -36.75
N LEU B 513 6.64 -22.06 -37.22
CA LEU B 513 7.16 -20.86 -37.87
C LEU B 513 7.92 -19.99 -36.89
N VAL B 514 7.41 -19.84 -35.66
CA VAL B 514 8.09 -19.00 -34.69
C VAL B 514 9.47 -19.56 -34.38
N TYR B 515 9.55 -20.85 -34.03
CA TYR B 515 10.88 -21.36 -33.69
C TYR B 515 11.78 -21.42 -34.91
N ARG B 516 11.21 -21.63 -36.11
CA ARG B 516 12.01 -21.55 -37.32
C ARG B 516 12.60 -20.17 -37.49
N MET B 517 11.85 -19.13 -37.08
CA MET B 517 12.35 -17.77 -37.19
C MET B 517 13.40 -17.49 -36.13
N ARG B 518 13.22 -18.03 -34.93
CA ARG B 518 14.30 -18.03 -33.95
C ARG B 518 15.58 -18.56 -34.58
N GLY B 519 15.47 -19.60 -35.40
CA GLY B 519 16.64 -20.09 -36.09
C GLY B 519 17.10 -19.27 -37.29
N ASP B 520 16.20 -18.93 -38.20
CA ASP B 520 16.54 -18.34 -39.49
C ASP B 520 16.35 -16.83 -39.44
N MET B 521 17.46 -16.09 -39.57
CA MET B 521 17.38 -14.63 -39.47
C MET B 521 16.79 -14.01 -40.74
N GLN B 522 17.08 -14.58 -41.90
CA GLN B 522 16.49 -14.05 -43.14
C GLN B 522 14.97 -14.15 -43.10
N LEU B 523 14.45 -15.30 -42.71
CA LEU B 523 13.00 -15.47 -42.59
C LEU B 523 12.41 -14.44 -41.64
N PHE B 524 13.01 -14.27 -40.45
CA PHE B 524 12.51 -13.26 -39.54
C PHE B 524 12.56 -11.88 -40.18
N GLN B 525 13.58 -11.60 -40.98
CA GLN B 525 13.62 -10.34 -41.69
C GLN B 525 12.40 -10.18 -42.57
N THR B 526 11.98 -11.26 -43.22
CA THR B 526 10.73 -11.24 -43.97
C THR B 526 9.55 -10.91 -43.06
N PHE B 527 9.39 -11.66 -41.98
CA PHE B 527 8.27 -11.42 -41.07
C PHE B 527 8.27 -10.00 -40.54
N TRP B 528 9.45 -9.39 -40.45
CA TRP B 528 9.60 -8.02 -39.95
C TRP B 528 9.17 -7.02 -41.01
N PHE B 529 9.57 -7.25 -42.26
CA PHE B 529 9.10 -6.42 -43.36
C PHE B 529 7.59 -6.43 -43.45
N LEU B 530 6.97 -7.61 -43.39
CA LEU B 530 5.51 -7.66 -43.44
C LEU B 530 4.89 -7.13 -42.16
N TYR B 531 5.58 -7.28 -41.03
CA TYR B 531 5.11 -6.76 -39.75
C TYR B 531 4.71 -5.30 -39.88
N HIS B 532 5.52 -4.52 -40.57
CA HIS B 532 5.30 -3.09 -40.79
C HIS B 532 4.50 -2.80 -42.05
N LYS B 533 3.93 -3.81 -42.68
CA LYS B 533 3.15 -3.61 -43.90
C LYS B 533 4.02 -3.06 -45.01
N GLY B 534 5.29 -3.47 -45.04
CA GLY B 534 6.19 -3.12 -46.10
C GLY B 534 6.99 -1.86 -45.89
N HIS B 535 6.86 -1.21 -44.73
CA HIS B 535 7.59 0.01 -44.44
C HIS B 535 8.27 -0.13 -43.07
N PRO B 536 9.22 -1.05 -42.95
CA PRO B 536 9.91 -1.24 -41.68
C PRO B 536 10.76 -0.03 -41.35
N PRO B 537 11.09 0.17 -40.07
CA PRO B 537 11.82 1.39 -39.68
C PRO B 537 13.26 1.40 -40.15
N SER B 538 13.96 2.49 -39.84
CA SER B 538 15.35 2.63 -40.24
C SER B 538 16.26 1.77 -39.40
N GLU B 539 15.92 1.57 -38.12
CA GLU B 539 16.76 0.78 -37.24
C GLU B 539 16.81 -0.68 -37.70
N PRO B 540 17.98 -1.32 -37.65
CA PRO B 540 18.12 -2.68 -38.18
C PRO B 540 17.38 -3.76 -37.38
N CYS B 541 16.90 -3.44 -36.17
CA CYS B 541 16.35 -4.46 -35.28
C CYS B 541 17.45 -5.42 -34.86
N GLY B 542 17.32 -6.72 -35.10
CA GLY B 542 18.36 -7.64 -34.70
C GLY B 542 18.00 -8.47 -33.48
N THR B 543 19.04 -9.11 -32.93
CA THR B 543 18.90 -10.20 -31.97
C THR B 543 17.96 -9.90 -30.81
N PRO B 544 18.20 -8.87 -30.01
CA PRO B 544 17.28 -8.60 -28.89
C PRO B 544 15.89 -8.22 -29.37
N CYS B 545 15.82 -7.42 -30.44
CA CYS B 545 14.57 -7.10 -31.09
C CYS B 545 13.86 -8.36 -31.58
N ARG B 546 14.57 -9.21 -32.32
CA ARG B 546 13.97 -10.46 -32.80
C ARG B 546 13.41 -11.27 -31.65
N LEU B 547 14.20 -11.43 -30.58
CA LEU B 547 13.75 -12.23 -29.44
C LEU B 547 12.49 -11.64 -28.83
N ALA B 548 12.47 -10.32 -28.61
CA ALA B 548 11.27 -9.69 -28.07
C ALA B 548 10.06 -9.98 -28.95
N THR B 549 10.22 -9.85 -30.27
CA THR B 549 9.08 -10.02 -31.17
C THR B 549 8.56 -11.45 -31.13
N LEU B 550 9.46 -12.43 -31.29
CA LEU B 550 9.02 -13.83 -31.24
C LEU B 550 8.36 -14.15 -29.91
N CYS B 551 8.98 -13.73 -28.80
CA CYS B 551 8.37 -13.94 -27.50
C CYS B 551 6.95 -13.38 -27.46
N ALA B 552 6.75 -12.20 -28.05
CA ALA B 552 5.40 -11.67 -28.13
C ALA B 552 4.50 -12.61 -28.90
N GLN B 553 4.99 -13.16 -30.02
CA GLN B 553 4.19 -14.07 -30.82
C GLN B 553 3.74 -15.29 -30.02
N LEU B 554 4.54 -15.70 -29.03
CA LEU B 554 4.16 -16.86 -28.25
C LEU B 554 3.34 -16.53 -27.00
N SER B 555 3.17 -15.25 -26.65
CA SER B 555 2.48 -14.88 -25.42
C SER B 555 1.07 -14.42 -25.76
N ALA B 556 0.09 -15.30 -25.54
CA ALA B 556 -1.32 -14.95 -25.62
C ALA B 556 -1.92 -14.69 -24.26
N ARG B 557 -1.14 -14.86 -23.21
CA ARG B 557 -1.57 -14.67 -21.84
C ARG B 557 -0.64 -13.66 -21.18
N ALA B 558 -1.19 -12.54 -20.74
CA ALA B 558 -0.38 -11.55 -20.07
C ALA B 558 0.21 -12.12 -18.79
N ASP B 559 1.41 -11.64 -18.44
CA ASP B 559 2.11 -12.09 -17.24
C ASP B 559 2.37 -13.60 -17.29
N SER B 560 2.83 -14.08 -18.44
CA SER B 560 3.16 -15.49 -18.64
C SER B 560 4.55 -15.58 -19.25
N PRO B 561 5.58 -15.18 -18.50
CA PRO B 561 6.94 -15.24 -19.05
C PRO B 561 7.40 -16.65 -19.38
N ALA B 562 6.92 -17.65 -18.64
CA ALA B 562 7.32 -19.03 -18.91
C ALA B 562 7.10 -19.41 -20.37
N LEU B 563 6.12 -18.80 -21.03
CA LEU B 563 5.80 -19.15 -22.42
C LEU B 563 6.99 -18.93 -23.34
N CYS B 564 7.89 -18.01 -23.00
CA CYS B 564 9.05 -17.73 -23.84
C CYS B 564 10.29 -18.49 -23.40
N ARG B 565 10.19 -19.39 -22.40
CA ARG B 565 11.38 -20.07 -21.86
C ARG B 565 12.21 -20.70 -22.97
N HIS B 566 11.53 -21.26 -23.97
CA HIS B 566 12.18 -22.05 -25.01
C HIS B 566 12.95 -21.21 -26.02
N LEU B 567 12.87 -19.87 -25.93
CA LEU B 567 13.67 -19.03 -26.81
C LEU B 567 15.04 -18.70 -26.23
N MET B 568 15.31 -19.10 -24.99
CA MET B 568 16.62 -18.88 -24.37
C MET B 568 17.01 -17.40 -24.39
#